data_5MOI
#
_entry.id   5MOI
#
_cell.length_a   47.673
_cell.length_b   90.296
_cell.length_c   92.908
_cell.angle_alpha   114.41
_cell.angle_beta   90.63
_cell.angle_gamma   96.10
#
_symmetry.space_group_name_H-M   'P 1'
#
loop_
_entity.id
_entity.type
_entity.pdbx_description
1 polymer 'Ig epsilon chain C region'
2 branched alpha-D-mannopyranose-(1-3)-[alpha-D-mannopyranose-(1-6)]beta-D-mannopyranose-(1-4)-2-acetamido-2-deoxy-beta-D-glucopyranose
3 branched alpha-D-mannopyranose-(1-6)-alpha-D-mannopyranose-(1-6)-beta-D-mannopyranose-(1-4)-2-acetamido-2-deoxy-beta-D-glucopyranose-(1-4)-2-acetamido-2-deoxy-beta-D-glucopyranose
4 branched alpha-D-mannopyranose-(1-3)-[alpha-D-mannopyranose-(1-6)]alpha-D-mannopyranose-(1-6)-[alpha-D-mannopyranose-(1-3)]beta-D-mannopyranose-(1-4)-2-acetamido-2-deoxy-beta-D-glucopyranose-(1-4)-2-acetamido-2-deoxy-beta-D-glucopyranose
5 branched alpha-D-mannopyranose-(1-3)-[alpha-D-mannopyranose-(1-6)]beta-D-mannopyranose
6 non-polymer DI(HYDROXYETHYL)ETHER
7 non-polymer 'PHOSPHATE ION'
8 non-polymer 1,2-ETHANEDIOL
9 water water
#
_entity_poly.entity_id   1
_entity_poly.type   'polypeptide(L)'
_entity_poly.pdbx_seq_one_letter_code
;ADPCADSNPRGVSAYLSRPSPFDLFIRKSPTITCLVVDLAPSKGTVQLTWSRASGKPVQHSTRKEEKQRNGTLTVTSTLP
VGTRDWIEGETYQCRVTHPHLPRALMRSTTKTSGPRAAPEVYAFATPEWPGSRDKRTLACLIQNFMPEDISVQWLHNEVQ
LPDARHSTTQPRKTKGSGFFVFSRLEVTRAEWEQKDEFICRAVHEAASPSQTVQRAVSVNPGK
;
_entity_poly.pdbx_strand_id   A,B,C,D,E,F
#
# COMPACT_ATOMS: atom_id res chain seq x y z
N TYR A 15 -4.42 32.31 24.42
CA TYR A 15 -4.08 31.22 23.52
C TYR A 15 -2.85 30.46 24.03
N LEU A 16 -2.76 29.18 23.67
CA LEU A 16 -1.65 28.33 24.07
C LEU A 16 -1.31 27.41 22.92
N SER A 17 -0.06 27.44 22.49
CA SER A 17 0.37 26.72 21.29
C SER A 17 1.11 25.44 21.65
N ARG A 18 1.27 24.59 20.65
CA ARG A 18 2.09 23.39 20.70
C ARG A 18 3.46 23.68 20.10
N PRO A 19 4.47 22.85 20.38
CA PRO A 19 5.78 23.08 19.77
C PRO A 19 5.71 22.91 18.26
N SER A 20 6.50 23.72 17.55
CA SER A 20 6.64 23.50 16.13
C SER A 20 7.44 22.22 15.89
N PRO A 21 7.06 21.41 14.90
CA PRO A 21 7.84 20.19 14.62
C PRO A 21 9.31 20.47 14.33
N PHE A 22 9.64 21.66 13.83
CA PHE A 22 11.05 22.01 13.63
C PHE A 22 11.78 22.15 14.96
N ASP A 23 11.17 22.87 15.91
CA ASP A 23 11.79 22.99 17.24
C ASP A 23 11.82 21.64 17.94
N LEU A 24 10.79 20.82 17.74
CA LEU A 24 10.65 19.57 18.47
C LEU A 24 11.68 18.54 18.00
N PHE A 25 11.84 18.39 16.68
CA PHE A 25 12.61 17.29 16.13
C PHE A 25 13.93 17.69 15.48
N ILE A 26 14.08 18.95 15.07
CA ILE A 26 15.32 19.38 14.43
C ILE A 26 16.20 20.12 15.44
N ARG A 27 15.67 21.19 16.03
CA ARG A 27 16.41 21.91 17.05
C ARG A 27 16.49 21.11 18.35
N LYS A 28 15.49 20.29 18.63
CA LYS A 28 15.39 19.53 19.88
C LYS A 28 15.36 20.44 21.10
N SER A 29 14.77 21.62 20.95
CA SER A 29 14.47 22.52 22.07
C SER A 29 13.05 23.04 21.86
N PRO A 30 12.05 22.21 22.12
CA PRO A 30 10.66 22.63 21.91
C PRO A 30 10.20 23.60 22.98
N THR A 31 9.31 24.50 22.57
CA THR A 31 8.72 25.48 23.48
C THR A 31 7.22 25.59 23.20
N ILE A 32 6.48 25.99 24.22
CA ILE A 32 5.07 26.34 24.10
C ILE A 32 4.91 27.78 24.57
N THR A 33 4.00 28.51 23.94
CA THR A 33 3.83 29.93 24.20
C THR A 33 2.38 30.22 24.58
N CYS A 34 2.20 30.94 25.68
CA CYS A 34 0.89 31.36 26.16
C CYS A 34 0.70 32.82 25.79
N LEU A 35 -0.18 33.08 24.82
CA LEU A 35 -0.39 34.41 24.28
C LEU A 35 -1.66 35.02 24.87
N VAL A 36 -1.52 36.22 25.44
CA VAL A 36 -2.67 36.92 26.00
C VAL A 36 -2.98 38.16 25.17
N LEU A 48 1.38 35.05 34.49
CA LEU A 48 1.24 33.76 33.83
C LEU A 48 2.03 32.68 34.56
N THR A 49 1.36 31.58 34.88
CA THR A 49 1.94 30.49 35.66
C THR A 49 1.85 29.19 34.88
N TRP A 50 2.94 28.42 34.90
CA TRP A 50 3.02 27.16 34.18
C TRP A 50 2.97 25.98 35.14
N SER A 51 2.34 24.90 34.69
CA SER A 51 2.21 23.69 35.48
C SER A 51 2.01 22.51 34.56
N ARG A 52 2.42 21.33 35.02
CA ARG A 52 2.31 20.09 34.26
C ARG A 52 1.29 19.17 34.94
N ALA A 53 0.51 18.46 34.12
CA ALA A 53 -0.53 17.60 34.66
C ALA A 53 0.05 16.49 35.52
N SER A 54 1.27 16.04 35.22
CA SER A 54 1.93 15.01 36.01
CA SER A 54 1.92 15.01 36.02
C SER A 54 2.47 15.53 37.34
N GLY A 55 2.40 16.84 37.58
CA GLY A 55 2.90 17.42 38.80
C GLY A 55 4.37 17.79 38.77
N LYS A 56 5.10 17.38 37.74
CA LYS A 56 6.52 17.69 37.64
C LYS A 56 6.71 19.20 37.45
N PRO A 57 7.87 19.73 37.82
CA PRO A 57 8.09 21.17 37.73
C PRO A 57 8.22 21.64 36.29
N VAL A 58 7.91 22.91 36.10
CA VAL A 58 8.10 23.59 34.82
C VAL A 58 9.43 24.34 34.87
N GLN A 59 10.08 24.43 33.72
CA GLN A 59 11.36 25.12 33.63
C GLN A 59 11.14 26.63 33.76
N HIS A 60 12.25 27.37 33.72
CA HIS A 60 12.19 28.83 33.83
C HIS A 60 11.43 29.40 32.64
N SER A 61 10.37 30.16 32.93
CA SER A 61 9.55 30.75 31.90
C SER A 61 10.12 32.10 31.45
N THR A 62 9.92 32.42 30.18
CA THR A 62 10.37 33.68 29.60
C THR A 62 9.14 34.54 29.32
N ARG A 63 8.97 35.61 30.09
CA ARG A 63 7.86 36.53 29.93
C ARG A 63 8.29 37.73 29.10
N LYS A 64 7.44 38.13 28.16
CA LYS A 64 7.74 39.23 27.26
C LYS A 64 6.50 40.11 27.08
N GLU A 65 6.67 41.41 27.28
CA GLU A 65 5.58 42.37 27.13
C GLU A 65 5.83 43.29 25.94
N THR A 74 -0.67 42.83 23.97
CA THR A 74 -0.09 41.51 23.77
C THR A 74 1.05 41.24 24.76
N VAL A 75 0.88 40.20 25.57
CA VAL A 75 1.92 39.71 26.45
C VAL A 75 1.98 38.19 26.30
N THR A 76 3.19 37.66 26.13
CA THR A 76 3.38 36.24 25.88
C THR A 76 4.33 35.65 26.90
N SER A 77 4.14 34.36 27.17
CA SER A 77 5.02 33.59 28.05
C SER A 77 5.42 32.32 27.31
N THR A 78 6.73 32.15 27.10
CA THR A 78 7.26 31.01 26.36
C THR A 78 7.95 30.08 27.35
N LEU A 79 7.48 28.83 27.42
CA LEU A 79 8.01 27.86 28.36
C LEU A 79 8.77 26.76 27.61
N PRO A 80 10.04 26.51 27.96
CA PRO A 80 10.73 25.35 27.38
C PRO A 80 10.18 24.06 27.97
N VAL A 81 9.91 23.09 27.09
CA VAL A 81 9.39 21.81 27.50
C VAL A 81 10.39 20.73 27.12
N GLY A 82 10.30 19.59 27.81
CA GLY A 82 11.14 18.46 27.46
C GLY A 82 10.64 17.78 26.19
N THR A 83 11.59 17.35 25.36
CA THR A 83 11.21 16.69 24.11
C THR A 83 10.56 15.34 24.38
N ARG A 84 11.16 14.54 25.26
CA ARG A 84 10.55 13.26 25.63
C ARG A 84 9.24 13.48 26.39
N ASP A 85 9.19 14.52 27.22
CA ASP A 85 7.97 14.80 27.98
C ASP A 85 6.81 15.12 27.06
N TRP A 86 7.05 15.93 26.02
CA TRP A 86 5.98 16.29 25.11
C TRP A 86 5.50 15.09 24.29
N ILE A 87 6.44 14.29 23.77
CA ILE A 87 6.08 13.14 22.94
C ILE A 87 5.30 12.12 23.75
N GLU A 88 5.59 12.00 25.05
CA GLU A 88 4.89 11.06 25.91
C GLU A 88 3.49 11.53 26.30
N GLY A 89 3.02 12.64 25.75
CA GLY A 89 1.68 13.11 26.04
C GLY A 89 1.53 13.91 27.31
N GLU A 90 2.55 14.65 27.71
CA GLU A 90 2.44 15.51 28.88
C GLU A 90 1.49 16.67 28.60
N THR A 91 0.66 17.00 29.57
CA THR A 91 -0.30 18.09 29.45
C THR A 91 0.19 19.29 30.24
N TYR A 92 0.45 20.39 29.54
CA TYR A 92 0.88 21.63 30.15
C TYR A 92 -0.27 22.62 30.18
N GLN A 93 -0.39 23.35 31.29
CA GLN A 93 -1.49 24.29 31.49
C GLN A 93 -0.95 25.69 31.78
N CYS A 94 -1.61 26.69 31.21
CA CYS A 94 -1.26 28.09 31.42
C CYS A 94 -2.48 28.83 31.95
N ARG A 95 -2.24 29.78 32.86
CA ARG A 95 -3.32 30.58 33.43
C ARG A 95 -2.85 32.01 33.68
N MET A 106 -7.17 29.94 32.63
CA MET A 106 -6.67 28.57 32.49
C MET A 106 -6.79 28.09 31.05
N ARG A 107 -5.65 27.69 30.47
CA ARG A 107 -5.61 27.10 29.14
C ARG A 107 -4.59 25.97 29.15
N SER A 108 -4.89 24.91 28.38
CA SER A 108 -4.10 23.69 28.41
C SER A 108 -3.69 23.29 26.99
N THR A 109 -2.59 22.53 26.92
CA THR A 109 -2.10 22.05 25.63
C THR A 109 -1.42 20.70 25.83
N THR A 110 -1.58 19.84 24.83
CA THR A 110 -0.89 18.55 24.77
C THR A 110 -0.79 18.15 23.31
N LYS A 111 0.02 17.13 23.04
CA LYS A 111 0.19 16.68 21.67
C LYS A 111 -1.09 16.00 21.19
N THR A 112 -1.41 16.21 19.91
CA THR A 112 -2.67 15.72 19.37
C THR A 112 -2.67 14.19 19.31
N SER A 113 -3.76 13.58 19.78
CA SER A 113 -3.90 12.13 19.73
C SER A 113 -4.43 11.73 18.35
N GLY A 114 -4.82 10.48 18.20
CA GLY A 114 -5.33 10.00 16.94
C GLY A 114 -4.25 9.39 16.07
N PRO A 115 -4.62 8.97 14.87
CA PRO A 115 -3.67 8.26 14.00
C PRO A 115 -2.61 9.20 13.46
N ARG A 116 -1.51 8.58 13.03
CA ARG A 116 -0.37 9.27 12.43
C ARG A 116 -0.25 8.90 10.96
N ALA A 117 0.25 9.83 10.16
CA ALA A 117 0.50 9.57 8.75
C ALA A 117 1.59 10.50 8.26
N ALA A 118 2.56 9.95 7.52
CA ALA A 118 3.67 10.75 7.04
C ALA A 118 3.21 11.67 5.90
N PRO A 119 3.86 12.82 5.73
CA PRO A 119 3.49 13.72 4.63
C PRO A 119 4.09 13.29 3.31
N GLU A 120 3.32 13.51 2.25
CA GLU A 120 3.79 13.36 0.87
C GLU A 120 4.23 14.73 0.37
N VAL A 121 5.40 14.79 -0.25
CA VAL A 121 5.97 16.06 -0.70
C VAL A 121 6.12 16.03 -2.22
N TYR A 122 5.72 17.11 -2.86
CA TYR A 122 5.93 17.29 -4.29
C TYR A 122 6.37 18.74 -4.52
N ALA A 123 7.40 18.93 -5.33
CA ALA A 123 7.94 20.25 -5.60
C ALA A 123 7.87 20.54 -7.08
N PHE A 124 7.43 21.76 -7.43
CA PHE A 124 7.30 22.16 -8.81
C PHE A 124 7.95 23.52 -9.03
N ALA A 125 8.32 23.79 -10.27
CA ALA A 125 8.82 25.09 -10.69
C ALA A 125 7.95 25.59 -11.84
N THR A 126 7.59 26.86 -11.79
CA THR A 126 6.81 27.45 -12.88
C THR A 126 7.70 27.69 -14.09
N PRO A 127 7.16 27.54 -15.30
CA PRO A 127 7.92 27.91 -16.49
C PRO A 127 8.20 29.40 -16.52
N GLU A 128 9.07 29.80 -17.46
CA GLU A 128 9.44 31.20 -17.58
C GLU A 128 8.24 32.04 -17.98
N TRP A 129 8.03 33.13 -17.25
CA TRP A 129 6.93 34.05 -17.50
C TRP A 129 7.41 35.22 -18.34
N PRO A 130 6.68 35.59 -19.39
CA PRO A 130 7.10 36.75 -20.19
C PRO A 130 7.18 38.01 -19.35
N GLY A 131 8.22 38.81 -19.58
CA GLY A 131 8.46 40.00 -18.80
C GLY A 131 9.15 39.79 -17.48
N SER A 132 9.38 38.54 -17.07
CA SER A 132 10.05 38.21 -15.81
C SER A 132 11.08 37.11 -16.10
N ARG A 133 12.09 37.46 -16.90
CA ARG A 133 13.09 36.48 -17.31
C ARG A 133 14.02 36.07 -16.16
N ASP A 134 14.17 36.92 -15.14
CA ASP A 134 15.09 36.66 -14.05
C ASP A 134 14.39 36.23 -12.76
N LYS A 135 13.10 35.93 -12.83
CA LYS A 135 12.32 35.45 -11.71
C LYS A 135 11.71 34.10 -12.06
N ARG A 136 11.64 33.23 -11.06
CA ARG A 136 10.94 31.95 -11.16
CA ARG A 136 10.88 31.99 -11.16
C ARG A 136 10.30 31.66 -9.81
N THR A 137 9.14 31.03 -9.82
CA THR A 137 8.43 30.67 -8.62
C THR A 137 8.49 29.16 -8.44
N LEU A 138 8.83 28.72 -7.24
CA LEU A 138 8.83 27.33 -6.87
C LEU A 138 7.66 27.07 -5.93
N ALA A 139 6.99 25.95 -6.13
CA ALA A 139 5.84 25.57 -5.33
C ALA A 139 6.07 24.20 -4.75
N CYS A 140 5.52 23.97 -3.56
CA CYS A 140 5.64 22.71 -2.87
C CYS A 140 4.29 22.32 -2.32
N LEU A 141 3.85 21.11 -2.64
CA LEU A 141 2.61 20.55 -2.13
C LEU A 141 2.98 19.47 -1.13
N ILE A 142 2.50 19.62 0.10
CA ILE A 142 2.73 18.66 1.17
C ILE A 142 1.36 18.24 1.69
N GLN A 143 1.06 16.95 1.61
CA GLN A 143 -0.31 16.51 1.80
C GLN A 143 -0.38 15.14 2.45
N ASN A 144 -1.57 14.81 2.95
CA ASN A 144 -1.92 13.50 3.48
C ASN A 144 -1.18 13.16 4.77
N PHE A 145 -0.84 14.19 5.55
CA PHE A 145 -0.18 13.98 6.83
C PHE A 145 -1.17 14.17 7.99
N MET A 146 -0.94 13.43 9.06
CA MET A 146 -1.72 13.53 10.29
C MET A 146 -0.81 13.35 11.49
N PRO A 147 -0.96 14.19 12.53
CA PRO A 147 -1.88 15.34 12.60
C PRO A 147 -1.38 16.56 11.84
N GLU A 148 -2.00 17.72 12.07
CA GLU A 148 -1.81 18.86 11.18
C GLU A 148 -0.52 19.64 11.45
N ASP A 149 0.10 19.46 12.61
CA ASP A 149 1.31 20.21 12.94
C ASP A 149 2.44 19.82 11.99
N ILE A 150 2.98 20.82 11.29
CA ILE A 150 4.02 20.58 10.30
C ILE A 150 4.87 21.84 10.17
N SER A 151 6.15 21.64 9.87
CA SER A 151 7.09 22.73 9.60
C SER A 151 7.64 22.56 8.19
N VAL A 152 7.68 23.63 7.43
CA VAL A 152 8.17 23.60 6.05
C VAL A 152 9.36 24.55 5.94
N GLN A 153 10.43 24.07 5.31
CA GLN A 153 11.59 24.90 5.04
C GLN A 153 12.01 24.72 3.58
N TRP A 154 12.66 25.75 3.07
CA TRP A 154 13.28 25.71 1.75
C TRP A 154 14.79 25.82 1.93
N LEU A 155 15.53 24.96 1.25
CA LEU A 155 16.98 24.96 1.33
C LEU A 155 17.59 25.11 -0.04
N HIS A 156 18.74 25.76 -0.07
CA HIS A 156 19.53 25.95 -1.28
C HIS A 156 20.98 25.76 -0.88
N ASN A 157 21.66 24.80 -1.51
CA ASN A 157 23.01 24.38 -1.12
C ASN A 157 23.03 23.83 0.30
N GLU A 158 21.94 23.18 0.72
CA GLU A 158 21.73 22.72 2.09
C GLU A 158 21.83 23.86 3.10
N VAL A 159 21.64 25.09 2.64
CA VAL A 159 21.55 26.25 3.50
C VAL A 159 20.08 26.65 3.57
N GLN A 160 19.52 26.64 4.78
CA GLN A 160 18.10 26.95 4.96
C GLN A 160 17.85 28.42 4.66
N LEU A 161 17.01 28.69 3.68
CA LEU A 161 16.66 30.07 3.35
C LEU A 161 15.84 30.69 4.48
N PRO A 162 15.93 32.00 4.66
CA PRO A 162 15.16 32.66 5.72
C PRO A 162 13.66 32.44 5.53
N ASP A 163 12.95 32.42 6.66
CA ASP A 163 11.51 32.15 6.62
C ASP A 163 10.78 33.15 5.73
N ALA A 164 11.18 34.42 5.78
CA ALA A 164 10.50 35.47 5.04
C ALA A 164 10.64 35.33 3.53
N ARG A 165 11.54 34.47 3.05
CA ARG A 165 11.65 34.23 1.61
C ARG A 165 10.48 33.45 1.06
N HIS A 166 9.71 32.76 1.91
CA HIS A 166 8.63 31.91 1.45
C HIS A 166 7.38 32.16 2.29
N SER A 167 6.27 31.61 1.82
CA SER A 167 5.01 31.64 2.54
C SER A 167 4.38 30.27 2.46
N THR A 168 3.89 29.77 3.60
CA THR A 168 3.26 28.47 3.70
C THR A 168 1.84 28.65 4.22
N THR A 169 0.88 28.00 3.58
CA THR A 169 -0.49 28.09 4.05
C THR A 169 -0.63 27.35 5.38
N GLN A 170 -1.71 27.65 6.07
CA GLN A 170 -2.01 26.87 7.26
C GLN A 170 -2.66 25.54 6.85
N PRO A 171 -2.44 24.48 7.63
CA PRO A 171 -2.93 23.16 7.24
C PRO A 171 -4.44 23.13 7.08
N ARG A 172 -4.91 22.66 5.92
CA ARG A 172 -6.32 22.46 5.64
C ARG A 172 -6.59 21.00 5.40
N LYS A 173 -7.81 20.57 5.70
CA LYS A 173 -8.17 19.15 5.58
C LYS A 173 -8.27 18.74 4.12
N THR A 174 -7.84 17.51 3.84
CA THR A 174 -7.99 16.92 2.52
C THR A 174 -9.43 16.44 2.33
N LYS A 175 -9.71 15.89 1.15
CA LYS A 175 -11.04 15.31 0.90
C LYS A 175 -11.25 14.08 1.77
N GLY A 176 -10.25 13.22 1.85
CA GLY A 176 -10.25 12.12 2.80
C GLY A 176 -9.78 12.58 4.16
N SER A 177 -9.08 11.69 4.86
CA SER A 177 -8.40 12.12 6.07
C SER A 177 -7.05 12.75 5.71
N GLY A 178 -6.48 13.47 6.66
CA GLY A 178 -5.20 14.11 6.46
C GLY A 178 -5.32 15.56 6.01
N PHE A 179 -4.19 16.24 6.03
CA PHE A 179 -4.11 17.67 5.80
C PHE A 179 -3.18 17.96 4.64
N PHE A 180 -3.19 19.21 4.19
CA PHE A 180 -2.25 19.64 3.17
C PHE A 180 -1.88 21.09 3.39
N VAL A 181 -0.66 21.44 2.98
CA VAL A 181 -0.21 22.82 2.95
C VAL A 181 0.44 23.08 1.61
N PHE A 182 0.48 24.34 1.23
CA PHE A 182 1.19 24.80 0.05
C PHE A 182 2.27 25.76 0.48
N SER A 183 3.46 25.62 -0.09
CA SER A 183 4.55 26.55 0.15
C SER A 183 5.01 27.13 -1.18
N ARG A 184 5.24 28.42 -1.19
CA ARG A 184 5.65 29.17 -2.38
C ARG A 184 6.97 29.87 -2.10
N LEU A 185 7.90 29.76 -3.04
CA LEU A 185 9.21 30.39 -2.91
C LEU A 185 9.62 31.00 -4.24
N GLU A 186 9.76 32.32 -4.27
CA GLU A 186 10.29 33.02 -5.43
C GLU A 186 11.81 32.94 -5.42
N VAL A 187 12.40 32.59 -6.56
CA VAL A 187 13.85 32.46 -6.69
C VAL A 187 14.33 33.34 -7.83
N THR A 188 15.59 33.77 -7.74
CA THR A 188 16.18 34.68 -8.71
C THR A 188 17.09 33.91 -9.66
N ARG A 189 17.38 34.56 -10.81
CA ARG A 189 18.30 33.96 -11.78
C ARG A 189 19.66 33.68 -11.15
N ALA A 190 20.17 34.61 -10.36
CA ALA A 190 21.46 34.40 -9.68
C ALA A 190 21.43 33.16 -8.80
N GLU A 191 20.29 32.85 -8.20
CA GLU A 191 20.23 31.70 -7.30
C GLU A 191 20.27 30.39 -8.08
N TRP A 192 19.42 30.23 -9.09
CA TRP A 192 19.39 28.95 -9.79
C TRP A 192 20.54 28.78 -10.76
N GLU A 193 21.16 29.87 -11.22
CA GLU A 193 22.36 29.73 -12.05
C GLU A 193 23.57 29.31 -11.23
N GLN A 194 23.58 29.64 -9.94
CA GLN A 194 24.65 29.17 -9.07
C GLN A 194 24.52 27.66 -8.81
N LYS A 195 23.33 27.22 -8.41
CA LYS A 195 23.01 25.80 -8.38
C LYS A 195 21.52 25.63 -8.61
N ASP A 196 21.17 24.97 -9.70
CA ASP A 196 19.77 24.78 -10.09
C ASP A 196 19.17 23.60 -9.34
N GLU A 197 19.10 23.73 -8.02
CA GLU A 197 18.45 22.72 -7.19
C GLU A 197 18.02 23.37 -5.89
N PHE A 198 16.72 23.30 -5.59
CA PHE A 198 16.12 23.84 -4.39
C PHE A 198 15.32 22.73 -3.74
N ILE A 199 15.35 22.68 -2.41
CA ILE A 199 14.79 21.57 -1.66
C ILE A 199 13.67 22.10 -0.79
N CYS A 200 12.48 21.54 -0.96
CA CYS A 200 11.38 21.77 -0.05
C CYS A 200 11.39 20.64 0.96
N ARG A 201 11.47 20.99 2.24
CA ARG A 201 11.60 20.02 3.33
CA ARG A 201 11.60 20.02 3.33
C ARG A 201 10.44 20.19 4.29
N ALA A 202 9.81 19.07 4.66
CA ALA A 202 8.72 19.05 5.62
C ALA A 202 9.17 18.30 6.85
N VAL A 203 8.96 18.91 8.02
CA VAL A 203 9.27 18.29 9.30
C VAL A 203 7.95 17.90 9.95
N HIS A 204 7.79 16.62 10.24
CA HIS A 204 6.53 16.11 10.77
C HIS A 204 6.81 14.92 11.66
N GLU A 205 6.02 14.82 12.74
CA GLU A 205 6.20 13.73 13.71
C GLU A 205 6.21 12.36 13.04
N ALA A 206 5.33 12.14 12.07
CA ALA A 206 5.13 10.82 11.49
C ALA A 206 6.07 10.51 10.34
N ALA A 207 6.90 11.46 9.92
CA ALA A 207 7.86 11.19 8.86
C ALA A 207 9.01 10.34 9.41
N SER A 208 9.59 9.52 8.53
CA SER A 208 10.68 8.63 8.92
C SER A 208 11.82 8.70 7.90
N PRO A 209 13.07 8.47 8.34
CA PRO A 209 13.48 8.09 9.70
C PRO A 209 13.62 9.24 10.70
N SER A 210 13.99 10.42 10.23
CA SER A 210 14.34 11.55 11.10
C SER A 210 13.32 12.67 11.04
N GLN A 211 12.04 12.30 10.93
CA GLN A 211 10.93 13.25 10.98
C GLN A 211 11.00 14.29 9.87
N THR A 212 11.67 13.98 8.76
CA THR A 212 11.74 14.88 7.62
C THR A 212 11.49 14.12 6.33
N VAL A 213 10.72 14.73 5.44
CA VAL A 213 10.57 14.29 4.06
C VAL A 213 10.80 15.51 3.19
N GLN A 214 11.58 15.34 2.13
CA GLN A 214 11.96 16.47 1.30
C GLN A 214 11.92 16.07 -0.17
N ARG A 215 11.79 17.09 -1.02
CA ARG A 215 11.84 16.91 -2.47
C ARG A 215 12.64 18.05 -3.07
N ALA A 216 13.47 17.71 -4.06
CA ALA A 216 14.23 18.69 -4.81
C ALA A 216 13.46 19.11 -6.05
N VAL A 217 13.71 20.33 -6.51
CA VAL A 217 13.13 20.84 -7.74
C VAL A 217 14.15 21.71 -8.45
N SER A 218 14.22 21.59 -9.77
CA SER A 218 15.11 22.40 -10.59
C SER A 218 14.29 23.32 -11.50
N VAL A 219 14.88 24.45 -11.84
CA VAL A 219 14.21 25.40 -12.73
C VAL A 219 14.19 24.85 -14.15
N ASN A 220 15.33 24.34 -14.63
CA ASN A 220 15.36 23.59 -15.88
C ASN A 220 16.33 22.42 -15.79
N ALA B 14 -17.22 42.12 12.35
CA ALA B 14 -18.05 42.17 11.16
C ALA B 14 -17.20 42.15 9.88
N TYR B 15 -17.64 41.38 8.90
CA TYR B 15 -16.99 41.31 7.61
C TYR B 15 -17.98 41.67 6.51
N LEU B 16 -17.47 42.23 5.42
CA LEU B 16 -18.28 42.59 4.26
C LEU B 16 -17.46 42.31 3.01
N SER B 17 -17.87 41.31 2.25
CA SER B 17 -17.11 40.83 1.11
C SER B 17 -17.56 41.48 -0.19
N ARG B 18 -16.69 41.41 -1.18
CA ARG B 18 -16.96 41.84 -2.54
C ARG B 18 -17.50 40.67 -3.36
N PRO B 19 -18.13 40.93 -4.50
CA PRO B 19 -18.59 39.82 -5.34
C PRO B 19 -17.42 39.00 -5.85
N SER B 20 -17.62 37.69 -5.92
CA SER B 20 -16.61 36.85 -6.53
C SER B 20 -16.48 37.21 -8.00
N PRO B 21 -15.27 37.16 -8.57
CA PRO B 21 -15.15 37.34 -10.02
C PRO B 21 -15.99 36.35 -10.80
N PHE B 22 -16.22 35.16 -10.24
CA PHE B 22 -17.09 34.18 -10.89
C PHE B 22 -18.52 34.71 -10.99
N ASP B 23 -19.08 35.18 -9.87
CA ASP B 23 -20.44 35.69 -9.90
C ASP B 23 -20.55 36.96 -10.74
N LEU B 24 -19.52 37.81 -10.68
CA LEU B 24 -19.58 39.12 -11.32
C LEU B 24 -19.42 39.03 -12.82
N PHE B 25 -18.54 38.17 -13.31
CA PHE B 25 -18.21 38.12 -14.73
C PHE B 25 -18.72 36.88 -15.45
N ILE B 26 -18.81 35.74 -14.78
CA ILE B 26 -19.26 34.51 -15.43
C ILE B 26 -20.76 34.36 -15.27
N ARG B 27 -21.23 34.22 -14.04
CA ARG B 27 -22.67 34.14 -13.77
C ARG B 27 -23.38 35.46 -14.04
N LYS B 28 -22.65 36.58 -14.06
CA LYS B 28 -23.23 37.90 -14.22
C LYS B 28 -24.35 38.14 -13.20
N SER B 29 -24.12 37.69 -11.97
CA SER B 29 -25.07 37.87 -10.87
C SER B 29 -24.28 38.12 -9.59
N PRO B 30 -23.68 39.30 -9.46
CA PRO B 30 -22.84 39.57 -8.29
C PRO B 30 -23.67 39.75 -7.03
N THR B 31 -23.11 39.31 -5.91
CA THR B 31 -23.68 39.52 -4.59
C THR B 31 -22.59 39.93 -3.62
N ILE B 32 -23.01 40.49 -2.48
CA ILE B 32 -22.10 40.77 -1.38
C ILE B 32 -22.69 40.20 -0.11
N THR B 33 -21.82 39.86 0.84
CA THR B 33 -22.23 39.18 2.07
C THR B 33 -21.69 39.91 3.28
N CYS B 34 -22.58 40.22 4.23
CA CYS B 34 -22.23 40.83 5.49
C CYS B 34 -22.28 39.77 6.59
N LEU B 35 -21.14 39.50 7.21
CA LEU B 35 -21.01 38.47 8.22
C LEU B 35 -20.67 39.11 9.55
N VAL B 36 -21.47 38.83 10.57
CA VAL B 36 -21.26 39.34 11.92
C VAL B 36 -21.03 38.14 12.84
N VAL B 37 -19.95 38.21 13.63
CA VAL B 37 -19.57 37.14 14.54
C VAL B 37 -19.76 37.65 15.96
N ASP B 38 -20.76 37.11 16.65
CA ASP B 38 -21.05 37.50 18.02
C ASP B 38 -20.50 36.48 19.02
N THR B 45 -33.53 40.52 18.27
CA THR B 45 -32.40 40.10 17.44
C THR B 45 -31.64 41.32 16.92
N VAL B 46 -30.71 41.08 15.99
CA VAL B 46 -29.92 42.15 15.40
C VAL B 46 -30.64 42.69 14.18
N GLN B 47 -30.19 43.85 13.69
CA GLN B 47 -30.76 44.49 12.51
C GLN B 47 -29.63 44.83 11.55
N LEU B 48 -29.64 44.21 10.37
CA LEU B 48 -28.69 44.51 9.30
C LEU B 48 -29.43 45.31 8.24
N THR B 49 -29.26 46.63 8.27
CA THR B 49 -29.87 47.50 7.28
C THR B 49 -28.88 47.73 6.15
N TRP B 50 -29.17 47.17 4.98
CA TRP B 50 -28.35 47.40 3.80
C TRP B 50 -28.63 48.79 3.24
N SER B 51 -27.58 49.43 2.72
CA SER B 51 -27.74 50.73 2.10
C SER B 51 -26.60 50.95 1.12
N ARG B 52 -26.80 51.91 0.22
CA ARG B 52 -25.77 52.38 -0.68
C ARG B 52 -25.31 53.76 -0.23
N ALA B 53 -24.01 54.03 -0.38
CA ALA B 53 -23.48 55.32 0.03
C ALA B 53 -24.15 56.46 -0.73
N SER B 54 -24.70 56.17 -1.91
CA SER B 54 -25.40 57.18 -2.69
C SER B 54 -26.82 57.44 -2.19
N GLY B 55 -27.37 56.53 -1.38
CA GLY B 55 -28.76 56.63 -0.98
C GLY B 55 -29.75 55.99 -1.93
N LYS B 56 -29.27 55.41 -3.03
CA LYS B 56 -30.12 54.74 -4.00
C LYS B 56 -30.56 53.38 -3.48
N PRO B 57 -31.68 52.85 -3.98
CA PRO B 57 -32.29 51.68 -3.35
C PRO B 57 -31.41 50.44 -3.41
N VAL B 58 -31.61 49.56 -2.42
CA VAL B 58 -30.98 48.25 -2.36
C VAL B 58 -32.07 47.21 -2.55
N GLN B 59 -31.69 46.04 -3.05
CA GLN B 59 -32.62 44.95 -3.23
C GLN B 59 -32.87 44.25 -1.89
N HIS B 60 -33.76 43.25 -1.91
CA HIS B 60 -33.95 42.44 -0.73
C HIS B 60 -32.77 41.50 -0.53
N SER B 61 -32.45 41.22 0.72
CA SER B 61 -31.33 40.35 1.07
C SER B 61 -31.84 39.12 1.81
N THR B 62 -31.03 38.08 1.79
CA THR B 62 -31.28 36.91 2.62
C THR B 62 -30.66 37.12 3.99
N ARG B 63 -31.08 36.31 4.95
CA ARG B 63 -30.58 36.42 6.31
C ARG B 63 -30.56 35.04 6.94
N LYS B 64 -29.44 34.71 7.60
CA LYS B 64 -29.29 33.43 8.27
C LYS B 64 -28.53 33.62 9.57
N GLU B 65 -29.10 33.12 10.66
CA GLU B 65 -28.47 33.14 11.98
C GLU B 65 -28.29 31.70 12.43
N GLU B 66 -27.07 31.36 12.83
CA GLU B 66 -26.73 29.99 13.22
C GLU B 66 -26.04 30.01 14.57
N LYS B 67 -26.63 29.33 15.55
CA LYS B 67 -25.98 29.16 16.84
C LYS B 67 -24.82 28.18 16.71
N GLN B 68 -23.65 28.60 17.19
CA GLN B 68 -22.45 27.79 17.11
C GLN B 68 -22.12 27.20 18.49
N ARG B 69 -20.94 26.59 18.59
CA ARG B 69 -20.53 25.96 19.84
C ARG B 69 -19.90 26.96 20.78
N THR B 74 -23.84 33.85 15.13
CA THR B 74 -23.32 34.50 13.93
C THR B 74 -24.43 34.75 12.92
N VAL B 75 -24.53 35.98 12.44
CA VAL B 75 -25.57 36.40 11.50
C VAL B 75 -24.91 36.71 10.16
N THR B 76 -25.42 36.09 9.10
CA THR B 76 -24.94 36.35 7.75
C THR B 76 -26.09 36.85 6.89
N SER B 77 -25.76 37.74 5.95
CA SER B 77 -26.75 38.33 5.06
C SER B 77 -26.11 38.58 3.71
N THR B 78 -26.78 38.16 2.65
CA THR B 78 -26.27 38.28 1.30
C THR B 78 -27.19 39.18 0.48
N LEU B 79 -26.62 40.21 -0.13
CA LEU B 79 -27.38 41.18 -0.90
C LEU B 79 -27.00 41.09 -2.37
N PRO B 80 -27.95 40.90 -3.28
CA PRO B 80 -27.64 41.04 -4.70
C PRO B 80 -27.38 42.50 -5.05
N VAL B 81 -26.38 42.74 -5.89
CA VAL B 81 -26.04 44.07 -6.35
C VAL B 81 -26.08 44.10 -7.87
N GLY B 82 -26.32 45.29 -8.41
CA GLY B 82 -26.31 45.44 -9.86
C GLY B 82 -24.89 45.32 -10.42
N THR B 83 -24.79 44.65 -11.55
CA THR B 83 -23.47 44.47 -12.18
C THR B 83 -22.86 45.80 -12.57
N ARG B 84 -23.60 46.61 -13.32
CA ARG B 84 -23.10 47.93 -13.70
C ARG B 84 -22.87 48.80 -12.48
N ASP B 85 -23.80 48.76 -11.51
CA ASP B 85 -23.63 49.53 -10.28
C ASP B 85 -22.32 49.20 -9.60
N TRP B 86 -21.96 47.91 -9.53
CA TRP B 86 -20.72 47.54 -8.85
C TRP B 86 -19.50 47.91 -9.68
N ILE B 87 -19.53 47.62 -10.98
CA ILE B 87 -18.37 47.85 -11.83
C ILE B 87 -18.05 49.34 -11.91
N GLU B 88 -19.07 50.20 -11.79
CA GLU B 88 -18.86 51.64 -11.90
C GLU B 88 -18.48 52.30 -10.58
N GLY B 89 -18.32 51.52 -9.51
CA GLY B 89 -17.76 52.02 -8.27
C GLY B 89 -18.74 52.41 -7.18
N GLU B 90 -19.92 51.81 -7.14
CA GLU B 90 -20.85 52.08 -6.05
C GLU B 90 -20.33 51.49 -4.74
N THR B 91 -20.62 52.16 -3.64
CA THR B 91 -20.27 51.70 -2.31
C THR B 91 -21.52 51.21 -1.59
N TYR B 92 -21.47 49.97 -1.11
CA TYR B 92 -22.57 49.35 -0.38
C TYR B 92 -22.20 49.25 1.09
N GLN B 93 -23.19 49.46 1.96
CA GLN B 93 -22.96 49.57 3.39
C GLN B 93 -23.82 48.56 4.14
N CYS B 94 -23.22 47.95 5.16
CA CYS B 94 -23.92 47.06 6.08
C CYS B 94 -23.81 47.66 7.48
N ARG B 95 -24.91 48.24 7.96
CA ARG B 95 -24.96 48.82 9.29
C ARG B 95 -25.70 47.85 10.21
N VAL B 96 -25.06 47.44 11.30
CA VAL B 96 -25.59 46.46 12.22
C VAL B 96 -25.86 47.16 13.56
N THR B 97 -27.10 47.10 14.02
CA THR B 97 -27.49 47.72 15.28
C THR B 97 -28.38 46.80 16.10
N ALA B 104 -22.85 50.23 17.57
CA ALA B 104 -23.27 50.07 16.19
C ALA B 104 -22.08 49.76 15.28
N LEU B 105 -22.21 48.69 14.50
CA LEU B 105 -21.17 48.28 13.57
C LEU B 105 -21.46 48.80 12.18
N MET B 106 -20.42 49.28 11.50
CA MET B 106 -20.52 49.85 10.16
C MET B 106 -19.43 49.23 9.29
N ARG B 107 -19.84 48.63 8.17
CA ARG B 107 -18.90 48.08 7.21
C ARG B 107 -19.36 48.47 5.82
N SER B 108 -18.42 48.90 4.98
CA SER B 108 -18.72 49.27 3.60
C SER B 108 -17.80 48.51 2.66
N THR B 109 -18.24 48.38 1.41
CA THR B 109 -17.47 47.67 0.40
C THR B 109 -17.69 48.35 -0.96
N THR B 110 -16.66 48.28 -1.80
CA THR B 110 -16.72 48.88 -3.11
C THR B 110 -15.70 48.18 -4.00
N LYS B 111 -15.75 48.52 -5.29
CA LYS B 111 -14.75 48.00 -6.22
C LYS B 111 -13.37 48.51 -5.82
N THR B 112 -12.47 47.57 -5.55
CA THR B 112 -11.08 47.94 -5.32
C THR B 112 -10.53 48.69 -6.53
N SER B 113 -9.68 49.69 -6.27
CA SER B 113 -9.08 50.46 -7.33
C SER B 113 -7.57 50.49 -7.15
N GLY B 114 -6.88 50.85 -8.22
CA GLY B 114 -5.44 50.80 -8.26
C GLY B 114 -4.95 50.05 -9.48
N PRO B 115 -3.65 49.74 -9.53
CA PRO B 115 -3.12 49.01 -10.68
C PRO B 115 -3.79 47.64 -10.82
N ARG B 116 -3.96 47.23 -12.07
CA ARG B 116 -4.51 45.93 -12.41
C ARG B 116 -3.46 45.08 -13.11
N ALA B 117 -3.43 43.79 -12.76
CA ALA B 117 -2.52 42.86 -13.41
C ALA B 117 -3.26 41.53 -13.59
N ALA B 118 -3.11 40.94 -14.77
CA ALA B 118 -3.76 39.67 -15.05
C ALA B 118 -3.03 38.54 -14.33
N PRO B 119 -3.73 37.47 -13.96
CA PRO B 119 -3.09 36.40 -13.21
C PRO B 119 -2.29 35.46 -14.11
N GLU B 120 -1.14 35.03 -13.59
CA GLU B 120 -0.41 33.92 -14.19
C GLU B 120 -0.97 32.62 -13.65
N VAL B 121 -1.15 31.64 -14.53
CA VAL B 121 -1.78 30.37 -14.17
C VAL B 121 -0.82 29.24 -14.52
N TYR B 122 -0.52 28.39 -13.54
CA TYR B 122 0.32 27.22 -13.74
C TYR B 122 -0.34 26.03 -13.06
N ALA B 123 -0.45 24.92 -13.78
CA ALA B 123 -1.12 23.72 -13.27
C ALA B 123 -0.13 22.56 -13.24
N PHE B 124 -0.19 21.77 -12.17
CA PHE B 124 0.72 20.65 -12.00
C PHE B 124 -0.06 19.41 -11.56
N ALA B 125 0.51 18.25 -11.88
CA ALA B 125 -0.01 16.96 -11.46
C ALA B 125 1.04 16.26 -10.61
N THR B 126 0.63 15.74 -9.46
CA THR B 126 1.56 14.96 -8.65
C THR B 126 1.87 13.65 -9.36
N PRO B 127 3.06 13.09 -9.14
CA PRO B 127 3.33 11.72 -9.55
C PRO B 127 2.55 10.73 -8.69
N GLU B 128 2.55 9.49 -9.13
CA GLU B 128 1.85 8.43 -8.41
C GLU B 128 2.54 8.15 -7.08
N TRP B 129 1.78 8.30 -5.94
CA TRP B 129 2.33 8.07 -4.61
C TRP B 129 2.06 6.64 -4.17
N PRO B 130 2.98 6.00 -3.45
CA PRO B 130 2.80 4.59 -3.08
C PRO B 130 1.55 4.37 -2.22
N GLY B 131 0.80 3.33 -2.57
CA GLY B 131 -0.40 2.98 -1.85
C GLY B 131 -1.68 3.57 -2.38
N SER B 132 -1.62 4.27 -3.51
CA SER B 132 -2.82 4.84 -4.15
C SER B 132 -2.53 5.16 -5.62
N ARG B 133 -2.64 4.15 -6.47
CA ARG B 133 -2.35 4.33 -7.89
C ARG B 133 -3.56 4.80 -8.69
N ASP B 134 -4.74 4.88 -8.09
CA ASP B 134 -5.93 5.36 -8.76
C ASP B 134 -6.27 6.80 -8.37
N LYS B 135 -5.35 7.50 -7.71
CA LYS B 135 -5.56 8.86 -7.26
C LYS B 135 -4.36 9.72 -7.66
N ARG B 136 -4.65 10.93 -8.13
CA ARG B 136 -3.63 11.95 -8.34
C ARG B 136 -4.17 13.27 -7.82
N THR B 137 -3.27 14.09 -7.30
CA THR B 137 -3.60 15.44 -6.90
C THR B 137 -3.12 16.40 -7.97
N LEU B 138 -4.00 17.29 -8.40
CA LEU B 138 -3.63 18.38 -9.29
C LEU B 138 -3.53 19.65 -8.49
N ALA B 139 -2.49 20.42 -8.76
CA ALA B 139 -2.23 21.67 -8.07
C ALA B 139 -2.17 22.80 -9.09
N CYS B 140 -2.75 23.94 -8.73
CA CYS B 140 -2.75 25.11 -9.59
C CYS B 140 -2.21 26.28 -8.81
N LEU B 141 -1.14 26.89 -9.33
CA LEU B 141 -0.63 28.14 -8.79
C LEU B 141 -1.12 29.27 -9.68
N ILE B 142 -1.78 30.25 -9.07
CA ILE B 142 -2.28 31.43 -9.77
C ILE B 142 -1.75 32.64 -9.01
N GLN B 143 -0.96 33.47 -9.68
CA GLN B 143 -0.17 34.46 -8.95
C GLN B 143 0.00 35.74 -9.77
N ASN B 144 0.50 36.76 -9.06
CA ASN B 144 0.90 38.05 -9.63
C ASN B 144 -0.29 38.81 -10.23
N PHE B 145 -1.47 38.64 -9.64
CA PHE B 145 -2.64 39.38 -10.08
C PHE B 145 -2.97 40.50 -9.08
N MET B 146 -3.64 41.52 -9.60
CA MET B 146 -4.10 42.66 -8.81
C MET B 146 -5.42 43.17 -9.39
N PRO B 147 -6.44 43.42 -8.54
CA PRO B 147 -6.48 43.24 -7.08
C PRO B 147 -6.60 41.78 -6.68
N GLU B 148 -6.87 41.53 -5.40
CA GLU B 148 -6.81 40.16 -4.87
C GLU B 148 -8.05 39.33 -5.19
N ASP B 149 -9.12 39.95 -5.66
CA ASP B 149 -10.35 39.20 -5.96
C ASP B 149 -10.10 38.24 -7.10
N ILE B 150 -10.29 36.95 -6.84
CA ILE B 150 -10.04 35.91 -7.83
C ILE B 150 -10.97 34.74 -7.57
N SER B 151 -11.40 34.11 -8.65
CA SER B 151 -12.15 32.86 -8.60
C SER B 151 -11.41 31.81 -9.41
N VAL B 152 -11.56 30.55 -9.01
CA VAL B 152 -10.91 29.42 -9.67
C VAL B 152 -11.95 28.37 -10.00
N GLN B 153 -12.00 27.94 -11.26
CA GLN B 153 -12.80 26.81 -11.70
C GLN B 153 -11.87 25.71 -12.21
N TRP B 154 -12.29 24.46 -12.02
CA TRP B 154 -11.61 23.31 -12.60
C TRP B 154 -12.55 22.66 -13.61
N LEU B 155 -12.04 22.44 -14.82
CA LEU B 155 -12.83 21.87 -15.90
C LEU B 155 -12.24 20.54 -16.32
N HIS B 156 -13.13 19.59 -16.61
CA HIS B 156 -12.75 18.28 -17.11
C HIS B 156 -13.83 17.81 -18.06
N ASN B 157 -13.41 17.28 -19.21
CA ASN B 157 -14.34 16.84 -20.26
C ASN B 157 -15.21 18.00 -20.73
N GLU B 158 -14.61 19.19 -20.85
CA GLU B 158 -15.19 20.43 -21.36
C GLU B 158 -16.22 21.04 -20.43
N VAL B 159 -16.37 20.53 -19.21
CA VAL B 159 -17.43 20.99 -18.32
C VAL B 159 -16.85 21.23 -16.93
N GLN B 160 -17.50 22.12 -16.18
CA GLN B 160 -17.00 22.54 -14.89
C GLN B 160 -17.30 21.49 -13.82
N LEU B 161 -16.27 21.10 -13.09
CA LEU B 161 -16.43 20.23 -11.93
C LEU B 161 -17.06 21.00 -10.77
N PRO B 162 -17.84 20.31 -9.93
CA PRO B 162 -18.44 20.98 -8.77
C PRO B 162 -17.39 21.64 -7.88
N ASP B 163 -17.77 22.78 -7.30
CA ASP B 163 -16.84 23.60 -6.55
C ASP B 163 -16.24 22.84 -5.38
N ALA B 164 -17.02 21.96 -4.76
CA ALA B 164 -16.57 21.21 -3.60
C ALA B 164 -15.47 20.21 -3.93
N ARG B 165 -15.24 19.90 -5.21
CA ARG B 165 -14.17 18.99 -5.59
C ARG B 165 -12.79 19.57 -5.33
N HIS B 166 -12.67 20.89 -5.23
CA HIS B 166 -11.39 21.55 -5.09
C HIS B 166 -11.41 22.49 -3.89
N SER B 167 -10.22 22.81 -3.41
CA SER B 167 -10.03 23.83 -2.41
C SER B 167 -9.06 24.87 -2.96
N THR B 168 -9.22 26.10 -2.50
CA THR B 168 -8.39 27.20 -2.98
C THR B 168 -8.02 28.05 -1.78
N THR B 169 -6.74 28.39 -1.66
CA THR B 169 -6.28 29.24 -0.57
C THR B 169 -6.83 30.66 -0.75
N GLN B 170 -6.87 31.39 0.36
CA GLN B 170 -7.25 32.78 0.22
C GLN B 170 -6.07 33.61 -0.27
N PRO B 171 -6.32 34.65 -1.07
CA PRO B 171 -5.21 35.39 -1.69
C PRO B 171 -4.22 35.92 -0.65
N ARG B 172 -2.93 35.71 -0.92
CA ARG B 172 -1.85 36.19 -0.08
C ARG B 172 -0.92 37.08 -0.90
N LYS B 173 -0.36 38.07 -0.25
CA LYS B 173 0.52 39.02 -0.94
C LYS B 173 1.80 38.34 -1.37
N THR B 174 2.14 38.49 -2.65
CA THR B 174 3.42 38.04 -3.15
C THR B 174 4.50 38.94 -2.57
N LYS B 175 5.76 38.64 -2.89
CA LYS B 175 6.87 39.49 -2.46
C LYS B 175 6.77 40.88 -3.10
N GLY B 176 6.36 40.93 -4.37
CA GLY B 176 6.09 42.19 -5.02
C GLY B 176 4.74 42.78 -4.63
N SER B 177 4.00 43.28 -5.62
CA SER B 177 2.72 43.95 -5.36
C SER B 177 1.52 43.10 -5.76
N GLY B 178 1.72 41.91 -6.31
CA GLY B 178 0.63 41.04 -6.70
C GLY B 178 0.20 40.11 -5.58
N PHE B 179 -0.71 39.19 -5.93
CA PHE B 179 -1.22 38.20 -5.00
C PHE B 179 -1.09 36.82 -5.63
N PHE B 180 -1.35 35.79 -4.83
CA PHE B 180 -1.30 34.43 -5.34
C PHE B 180 -2.26 33.57 -4.54
N VAL B 181 -2.80 32.55 -5.21
CA VAL B 181 -3.54 31.48 -4.56
C VAL B 181 -3.04 30.15 -5.11
N PHE B 182 -3.21 29.10 -4.31
CA PHE B 182 -3.03 27.73 -4.76
C PHE B 182 -4.41 27.06 -4.79
N SER B 183 -4.63 26.23 -5.80
CA SER B 183 -5.85 25.45 -5.89
C SER B 183 -5.48 23.97 -6.00
N ARG B 184 -6.20 23.14 -5.26
CA ARG B 184 -5.90 21.72 -5.13
C ARG B 184 -7.11 20.92 -5.57
N LEU B 185 -6.89 19.93 -6.45
CA LEU B 185 -7.97 19.11 -6.97
C LEU B 185 -7.52 17.65 -7.01
N GLU B 186 -8.13 16.82 -6.16
CA GLU B 186 -7.90 15.39 -6.23
C GLU B 186 -8.73 14.79 -7.37
N VAL B 187 -8.07 14.03 -8.25
CA VAL B 187 -8.71 13.41 -9.39
C VAL B 187 -8.52 11.90 -9.29
N THR B 188 -9.36 11.17 -10.01
CA THR B 188 -9.36 9.71 -9.98
C THR B 188 -8.87 9.16 -11.31
N ARG B 189 -8.45 7.88 -11.27
CA ARG B 189 -7.99 7.23 -12.50
C ARG B 189 -9.12 7.12 -13.52
N ALA B 190 -10.35 6.90 -13.07
CA ALA B 190 -11.48 6.84 -13.99
C ALA B 190 -11.69 8.15 -14.73
N GLU B 191 -11.22 9.27 -14.16
CA GLU B 191 -11.37 10.57 -14.81
C GLU B 191 -10.25 10.83 -15.82
N TRP B 192 -8.98 10.59 -15.45
CA TRP B 192 -7.90 10.89 -16.38
C TRP B 192 -7.73 9.82 -17.45
N GLU B 193 -8.30 8.63 -17.25
CA GLU B 193 -8.34 7.64 -18.32
C GLU B 193 -9.49 7.89 -19.29
N GLN B 194 -10.55 8.56 -18.83
CA GLN B 194 -11.59 9.02 -19.73
C GLN B 194 -11.08 10.13 -20.64
N LYS B 195 -10.44 11.13 -20.05
CA LYS B 195 -9.80 12.21 -20.82
C LYS B 195 -8.69 12.79 -19.96
N ASP B 196 -7.45 12.60 -20.39
CA ASP B 196 -6.28 13.03 -19.63
C ASP B 196 -6.00 14.51 -19.91
N GLU B 197 -6.91 15.36 -19.44
CA GLU B 197 -6.76 16.80 -19.56
C GLU B 197 -7.67 17.47 -18.54
N PHE B 198 -7.07 18.24 -17.64
CA PHE B 198 -7.81 19.01 -16.64
C PHE B 198 -7.38 20.46 -16.74
N ILE B 199 -8.33 21.37 -16.64
CA ILE B 199 -8.10 22.79 -16.87
C ILE B 199 -8.29 23.52 -15.56
N CYS B 200 -7.30 24.32 -15.19
CA CYS B 200 -7.42 25.25 -14.08
C CYS B 200 -7.68 26.63 -14.67
N ARG B 201 -8.83 27.20 -14.31
CA ARG B 201 -9.27 28.47 -14.89
C ARG B 201 -9.43 29.50 -13.79
N ALA B 202 -8.67 30.59 -13.88
CA ALA B 202 -8.80 31.73 -12.99
C ALA B 202 -9.73 32.75 -13.60
N VAL B 203 -10.68 33.25 -12.81
CA VAL B 203 -11.55 34.34 -13.21
C VAL B 203 -11.06 35.60 -12.50
N HIS B 204 -10.71 36.62 -13.27
CA HIS B 204 -10.11 37.83 -12.73
C HIS B 204 -10.41 38.99 -13.66
N GLU B 205 -10.63 40.17 -13.08
CA GLU B 205 -11.09 41.32 -13.86
C GLU B 205 -10.01 41.83 -14.81
N ALA B 206 -8.75 41.55 -14.55
CA ALA B 206 -7.66 42.02 -15.40
C ALA B 206 -7.30 41.03 -16.50
N ALA B 207 -7.96 39.88 -16.54
CA ALA B 207 -7.73 38.91 -17.59
C ALA B 207 -8.37 39.38 -18.89
N SER B 208 -7.58 39.46 -19.95
CA SER B 208 -8.07 39.92 -21.25
C SER B 208 -8.42 38.72 -22.15
N PRO B 209 -9.59 38.78 -22.81
CA PRO B 209 -10.59 39.85 -22.66
C PRO B 209 -11.89 39.39 -21.99
N SER B 210 -12.02 38.09 -21.73
CA SER B 210 -13.23 37.52 -21.15
C SER B 210 -13.10 37.24 -19.66
N GLN B 211 -12.16 37.91 -18.99
CA GLN B 211 -11.93 37.80 -17.55
C GLN B 211 -11.49 36.40 -17.12
N THR B 212 -10.92 35.60 -18.01
CA THR B 212 -10.42 34.27 -17.65
C THR B 212 -9.03 34.05 -18.21
N VAL B 213 -8.20 33.36 -17.42
CA VAL B 213 -6.95 32.77 -17.87
C VAL B 213 -6.97 31.32 -17.40
N GLN B 214 -6.49 30.42 -18.24
CA GLN B 214 -6.52 29.00 -17.91
C GLN B 214 -5.27 28.32 -18.43
N ARG B 215 -4.96 27.17 -17.81
CA ARG B 215 -3.89 26.32 -18.26
C ARG B 215 -4.31 24.86 -18.06
N ALA B 216 -3.96 24.02 -19.02
CA ALA B 216 -4.31 22.61 -18.96
C ALA B 216 -3.15 21.81 -18.37
N VAL B 217 -3.49 20.78 -17.59
CA VAL B 217 -2.52 19.83 -17.08
C VAL B 217 -3.04 18.42 -17.36
N SER B 218 -2.13 17.52 -17.70
CA SER B 218 -2.46 16.12 -17.93
C SER B 218 -1.67 15.25 -16.96
N VAL B 219 -2.29 14.13 -16.56
CA VAL B 219 -1.69 13.27 -15.55
C VAL B 219 -0.44 12.57 -16.08
N ASN B 220 -0.42 12.24 -17.36
CA ASN B 220 0.75 11.60 -17.94
C ASN B 220 1.34 12.43 -19.08
N VAL C 12 17.03 8.27 -30.44
CA VAL C 12 17.60 7.95 -29.13
C VAL C 12 16.51 7.61 -28.13
N SER C 13 16.57 6.42 -27.56
CA SER C 13 15.64 5.99 -26.53
C SER C 13 16.41 5.64 -25.26
N ALA C 14 15.76 5.83 -24.11
CA ALA C 14 16.38 5.58 -22.83
C ALA C 14 15.41 4.84 -21.93
N TYR C 15 15.92 3.88 -21.16
CA TYR C 15 15.11 3.09 -20.26
C TYR C 15 15.76 3.06 -18.88
N LEU C 16 14.93 2.89 -17.85
CA LEU C 16 15.40 2.84 -16.48
C LEU C 16 14.71 1.70 -15.76
N SER C 17 15.50 0.77 -15.24
CA SER C 17 14.96 -0.42 -14.60
C SER C 17 14.84 -0.23 -13.09
N ARG C 18 14.15 -1.17 -12.47
CA ARG C 18 14.11 -1.31 -11.02
C ARG C 18 15.07 -2.42 -10.60
N PRO C 19 15.48 -2.45 -9.33
CA PRO C 19 16.31 -3.57 -8.88
C PRO C 19 15.57 -4.88 -9.04
N SER C 20 16.32 -5.92 -9.40
CA SER C 20 15.74 -7.25 -9.42
C SER C 20 15.46 -7.68 -7.98
N PRO C 21 14.36 -8.37 -7.73
CA PRO C 21 14.11 -8.88 -6.37
C PRO C 21 15.23 -9.76 -5.86
N PHE C 22 15.97 -10.42 -6.75
CA PHE C 22 17.13 -11.20 -6.32
C PHE C 22 18.20 -10.30 -5.72
N ASP C 23 18.63 -9.27 -6.48
CA ASP C 23 19.62 -8.34 -5.95
C ASP C 23 19.12 -7.62 -4.70
N LEU C 24 17.83 -7.37 -4.64
CA LEU C 24 17.27 -6.58 -3.54
C LEU C 24 17.18 -7.40 -2.26
N PHE C 25 16.69 -8.65 -2.34
CA PHE C 25 16.33 -9.42 -1.16
C PHE C 25 17.25 -10.59 -0.87
N ILE C 26 17.98 -11.09 -1.87
CA ILE C 26 18.92 -12.20 -1.68
C ILE C 26 20.37 -11.69 -1.66
N ARG C 27 20.80 -11.01 -2.72
CA ARG C 27 22.17 -10.51 -2.82
C ARG C 27 22.41 -9.29 -1.93
N LYS C 28 21.36 -8.59 -1.52
CA LYS C 28 21.45 -7.37 -0.71
C LYS C 28 22.25 -6.27 -1.42
N SER C 29 22.27 -6.30 -2.74
CA SER C 29 22.97 -5.30 -3.56
C SER C 29 22.06 -4.85 -4.69
N PRO C 30 21.01 -4.10 -4.39
CA PRO C 30 20.11 -3.63 -5.44
C PRO C 30 20.77 -2.56 -6.29
N THR C 31 20.55 -2.65 -7.60
CA THR C 31 21.04 -1.66 -8.54
C THR C 31 19.93 -1.33 -9.53
N ILE C 32 20.00 -0.12 -10.09
CA ILE C 32 19.16 0.26 -11.21
C ILE C 32 20.07 0.57 -12.39
N THR C 33 19.54 0.33 -13.60
CA THR C 33 20.31 0.52 -14.82
C THR C 33 19.59 1.50 -15.72
N CYS C 34 20.31 2.53 -16.16
CA CYS C 34 19.82 3.46 -17.19
C CYS C 34 20.40 3.01 -18.52
N LEU C 35 19.54 2.52 -19.41
CA LEU C 35 19.94 2.00 -20.71
C LEU C 35 19.58 3.01 -21.78
N VAL C 36 20.59 3.49 -22.51
CA VAL C 36 20.40 4.42 -23.61
C VAL C 36 20.67 3.67 -24.91
N VAL C 37 19.64 3.52 -25.74
CA VAL C 37 19.76 2.88 -27.04
C VAL C 37 19.74 3.97 -28.10
N ASP C 38 20.87 4.17 -28.77
CA ASP C 38 21.08 5.26 -29.71
C ASP C 38 20.99 4.70 -31.13
N LEU C 39 19.83 4.91 -31.77
CA LEU C 39 19.57 4.33 -33.09
C LEU C 39 20.71 4.59 -34.07
N ALA C 40 21.39 5.74 -33.96
CA ALA C 40 22.56 6.02 -34.76
C ALA C 40 23.60 6.72 -33.90
N PRO C 41 24.72 6.06 -33.60
CA PRO C 41 25.80 6.74 -32.87
C PRO C 41 26.29 7.96 -33.63
N SER C 42 26.38 9.07 -32.92
CA SER C 42 26.89 10.30 -33.51
C SER C 42 28.36 10.44 -33.20
N LYS C 43 28.73 11.65 -32.74
CA LYS C 43 30.13 11.91 -32.48
C LYS C 43 30.45 11.98 -30.99
N GLY C 44 29.66 12.70 -30.21
CA GLY C 44 30.08 13.00 -28.85
C GLY C 44 29.73 11.93 -27.83
N THR C 45 30.14 12.20 -26.59
CA THR C 45 29.91 11.28 -25.48
C THR C 45 28.63 11.67 -24.75
N VAL C 46 27.63 10.80 -24.79
CA VAL C 46 26.38 11.06 -24.09
C VAL C 46 26.64 11.08 -22.59
N GLN C 47 25.91 11.94 -21.88
CA GLN C 47 26.08 12.12 -20.44
C GLN C 47 24.88 11.54 -19.72
N LEU C 48 25.14 10.65 -18.76
CA LEU C 48 24.11 10.03 -17.93
C LEU C 48 24.33 10.51 -16.51
N THR C 49 23.42 11.33 -16.01
CA THR C 49 23.54 11.97 -14.70
C THR C 49 22.48 11.40 -13.75
N TRP C 50 22.92 10.92 -12.61
CA TRP C 50 22.02 10.32 -11.62
C TRP C 50 21.63 11.34 -10.57
N SER C 51 20.40 11.21 -10.08
CA SER C 51 19.92 12.04 -8.98
C SER C 51 18.76 11.33 -8.29
N ARG C 52 18.43 11.81 -7.09
CA ARG C 52 17.30 11.32 -6.33
C ARG C 52 16.29 12.45 -6.17
N ALA C 53 15.00 12.11 -6.26
CA ALA C 53 13.97 13.13 -6.16
C ALA C 53 13.99 13.83 -4.81
N SER C 54 14.54 13.17 -3.77
CA SER C 54 14.68 13.83 -2.48
C SER C 54 15.81 14.84 -2.46
N GLY C 55 16.68 14.84 -3.48
CA GLY C 55 17.85 15.70 -3.47
C GLY C 55 19.03 15.15 -2.70
N LYS C 56 18.94 13.93 -2.20
CA LYS C 56 20.00 13.31 -1.43
C LYS C 56 21.03 12.67 -2.37
N PRO C 57 22.26 12.45 -1.88
CA PRO C 57 23.34 12.02 -2.78
C PRO C 57 23.10 10.64 -3.39
N VAL C 58 23.69 10.45 -4.57
CA VAL C 58 23.76 9.16 -5.22
C VAL C 58 25.18 8.64 -5.12
N GLN C 59 25.33 7.33 -5.31
CA GLN C 59 26.65 6.71 -5.26
C GLN C 59 27.30 6.77 -6.63
N HIS C 60 28.54 6.26 -6.72
CA HIS C 60 29.22 6.18 -8.00
C HIS C 60 28.55 5.12 -8.88
N SER C 61 28.46 5.42 -10.17
CA SER C 61 27.84 4.52 -11.14
C SER C 61 28.89 3.97 -12.07
N THR C 62 28.58 2.81 -12.65
CA THR C 62 29.43 2.17 -13.65
C THR C 62 28.87 2.46 -15.05
N ARG C 63 29.71 2.99 -15.92
CA ARG C 63 29.33 3.29 -17.29
C ARG C 63 29.82 2.18 -18.21
N LYS C 64 29.04 1.89 -19.25
CA LYS C 64 29.35 0.79 -20.16
C LYS C 64 28.84 1.16 -21.55
N GLU C 65 29.72 1.04 -22.54
CA GLU C 65 29.41 1.34 -23.93
C GLU C 65 29.70 0.13 -24.80
N GLU C 66 28.81 -0.13 -25.77
CA GLU C 66 28.98 -1.27 -26.66
C GLU C 66 28.30 -0.97 -27.99
N LYS C 67 29.07 -0.96 -29.06
CA LYS C 67 28.52 -0.82 -30.41
C LYS C 67 27.89 -2.14 -30.84
N GLN C 68 26.70 -2.08 -31.41
CA GLN C 68 25.97 -3.28 -31.78
C GLN C 68 26.25 -3.65 -33.24
N ARG C 69 25.79 -4.85 -33.60
CA ARG C 69 26.03 -5.36 -34.96
C ARG C 69 25.22 -4.61 -36.00
N ASN C 70 24.16 -3.90 -35.60
CA ASN C 70 23.41 -3.05 -36.50
C ASN C 70 23.95 -1.63 -36.54
N GLY C 71 25.21 -1.43 -36.15
CA GLY C 71 25.83 -0.13 -36.16
C GLY C 71 25.26 0.86 -35.16
N THR C 72 24.62 0.37 -34.10
CA THR C 72 23.95 1.21 -33.12
C THR C 72 24.70 1.16 -31.79
N LEU C 73 24.87 2.33 -31.16
CA LEU C 73 25.61 2.43 -29.91
C LEU C 73 24.68 2.28 -28.71
N THR C 74 25.12 1.49 -27.74
CA THR C 74 24.36 1.22 -26.52
C THR C 74 25.18 1.65 -25.32
N VAL C 75 24.61 2.53 -24.49
CA VAL C 75 25.28 3.07 -23.31
C VAL C 75 24.42 2.78 -22.10
N THR C 76 24.99 2.09 -21.11
CA THR C 76 24.29 1.76 -19.88
C THR C 76 25.05 2.31 -18.68
N SER C 77 24.30 2.75 -17.68
CA SER C 77 24.86 3.18 -16.40
C SER C 77 24.11 2.46 -15.29
N THR C 78 24.85 1.81 -14.41
CA THR C 78 24.29 1.02 -13.32
C THR C 78 24.62 1.70 -12.00
N LEU C 79 23.59 1.95 -11.18
CA LEU C 79 23.75 2.70 -9.95
C LEU C 79 23.35 1.85 -8.75
N PRO C 80 24.23 1.65 -7.77
CA PRO C 80 23.80 1.01 -6.51
C PRO C 80 22.87 1.95 -5.74
N VAL C 81 21.77 1.39 -5.24
CA VAL C 81 20.81 2.14 -4.45
C VAL C 81 20.75 1.54 -3.06
N GLY C 82 20.45 2.38 -2.07
CA GLY C 82 20.31 1.89 -0.71
C GLY C 82 19.06 1.04 -0.55
N THR C 83 19.22 -0.09 0.14
CA THR C 83 18.11 -1.02 0.28
C THR C 83 16.93 -0.37 0.99
N ARG C 84 17.18 0.28 2.12
CA ARG C 84 16.10 0.99 2.81
C ARG C 84 15.58 2.14 1.96
N ASP C 85 16.48 2.86 1.28
CA ASP C 85 16.07 3.97 0.44
C ASP C 85 15.10 3.51 -0.64
N TRP C 86 15.45 2.47 -1.39
CA TRP C 86 14.57 1.98 -2.44
C TRP C 86 13.26 1.47 -1.87
N ILE C 87 13.34 0.66 -0.80
CA ILE C 87 12.16 0.00 -0.28
C ILE C 87 11.17 1.03 0.25
N GLU C 88 11.67 2.08 0.89
CA GLU C 88 10.81 3.09 1.48
C GLU C 88 10.35 4.16 0.49
N GLY C 89 10.51 3.91 -0.81
CA GLY C 89 9.86 4.72 -1.82
C GLY C 89 10.66 5.86 -2.41
N GLU C 90 11.99 5.81 -2.36
CA GLU C 90 12.79 6.83 -3.02
C GLU C 90 12.64 6.73 -4.53
N THR C 91 12.63 7.89 -5.19
CA THR C 91 12.57 7.96 -6.64
C THR C 91 13.96 8.33 -7.16
N TYR C 92 14.49 7.51 -8.06
CA TYR C 92 15.79 7.75 -8.67
C TYR C 92 15.62 8.22 -10.10
N GLN C 93 16.52 9.08 -10.55
CA GLN C 93 16.36 9.79 -11.80
C GLN C 93 17.63 9.65 -12.64
N CYS C 94 17.46 9.29 -13.91
CA CYS C 94 18.53 9.28 -14.88
C CYS C 94 18.28 10.40 -15.87
N ARG C 95 19.23 11.33 -15.97
CA ARG C 95 19.14 12.45 -16.90
C ARG C 95 20.16 12.23 -18.02
N VAL C 96 19.67 12.17 -19.25
CA VAL C 96 20.49 11.83 -20.41
C VAL C 96 20.72 13.10 -21.22
N THR C 97 21.93 13.63 -21.15
CA THR C 97 22.35 14.75 -21.99
C THR C 97 23.23 14.21 -23.11
N HIS C 98 22.87 14.53 -24.35
CA HIS C 98 23.59 14.02 -25.51
C HIS C 98 24.35 15.13 -26.24
N HIS C 100 24.50 15.83 -31.78
CA HIS C 100 23.81 15.77 -30.49
C HIS C 100 22.31 15.61 -30.70
N LEU C 101 21.54 15.96 -29.67
CA LEU C 101 20.09 15.87 -29.68
C LEU C 101 19.50 17.18 -29.20
N PRO C 102 18.20 17.40 -29.43
CA PRO C 102 17.59 18.69 -29.07
C PRO C 102 17.52 18.93 -27.57
N ARG C 103 16.65 18.21 -26.88
CA ARG C 103 16.42 18.40 -25.46
C ARG C 103 16.93 17.20 -24.67
N ALA C 104 17.21 17.44 -23.39
CA ALA C 104 17.68 16.39 -22.51
C ALA C 104 16.58 15.35 -22.26
N LEU C 105 17.00 14.11 -22.06
CA LEU C 105 16.10 13.02 -21.73
C LEU C 105 16.12 12.76 -20.23
N MET C 106 14.94 12.52 -19.65
CA MET C 106 14.81 12.31 -18.22
C MET C 106 13.94 11.08 -17.96
N ARG C 107 14.52 10.07 -17.32
CA ARG C 107 13.80 8.89 -16.89
C ARG C 107 13.90 8.78 -15.37
N SER C 108 12.84 8.27 -14.76
CA SER C 108 12.81 8.07 -13.31
C SER C 108 12.17 6.73 -12.99
N THR C 109 12.57 6.17 -11.85
CA THR C 109 12.05 4.88 -11.40
C THR C 109 11.87 4.90 -9.88
N THR C 110 10.85 4.18 -9.43
CA THR C 110 10.60 4.01 -8.00
C THR C 110 9.92 2.67 -7.81
N LYS C 111 9.75 2.29 -6.55
CA LYS C 111 9.12 1.02 -6.24
C LYS C 111 7.67 1.01 -6.70
N THR C 112 7.20 -0.15 -7.18
CA THR C 112 5.82 -0.26 -7.62
C THR C 112 4.89 -0.30 -6.42
N SER C 113 3.79 0.43 -6.51
CA SER C 113 2.82 0.53 -5.43
C SER C 113 1.59 -0.32 -5.71
N GLY C 114 0.82 -0.56 -4.67
CA GLY C 114 -0.40 -1.34 -4.77
C GLY C 114 -0.45 -2.45 -3.74
N PRO C 115 -1.50 -3.26 -3.79
CA PRO C 115 -1.61 -4.40 -2.87
C PRO C 115 -0.48 -5.40 -3.09
N ARG C 116 -0.23 -6.19 -2.05
CA ARG C 116 0.80 -7.21 -2.09
C ARG C 116 0.18 -8.60 -2.00
N ALA C 117 0.69 -9.52 -2.81
CA ALA C 117 0.27 -10.91 -2.78
C ALA C 117 1.47 -11.79 -3.07
N ALA C 118 1.71 -12.78 -2.21
CA ALA C 118 2.84 -13.68 -2.40
C ALA C 118 2.62 -14.57 -3.61
N PRO C 119 3.69 -15.03 -4.25
CA PRO C 119 3.55 -15.90 -5.42
C PRO C 119 3.23 -17.34 -5.05
N GLU C 120 2.53 -18.01 -5.97
CA GLU C 120 2.30 -19.44 -5.91
C GLU C 120 3.20 -20.12 -6.93
N VAL C 121 3.96 -21.12 -6.50
CA VAL C 121 4.97 -21.75 -7.34
C VAL C 121 4.55 -23.19 -7.61
N TYR C 122 4.53 -23.57 -8.88
CA TYR C 122 4.25 -24.94 -9.30
C TYR C 122 5.32 -25.37 -10.28
N ALA C 123 6.06 -26.43 -9.95
CA ALA C 123 7.14 -26.92 -10.79
C ALA C 123 6.73 -28.23 -11.42
N PHE C 124 6.86 -28.33 -12.74
CA PHE C 124 6.52 -29.53 -13.48
C PHE C 124 7.74 -30.05 -14.24
N ALA C 125 7.66 -31.30 -14.65
CA ALA C 125 8.68 -31.94 -15.47
C ALA C 125 8.00 -32.60 -16.66
N THR C 126 8.46 -32.27 -17.86
CA THR C 126 7.86 -32.85 -19.05
C THR C 126 8.22 -34.33 -19.15
N PRO C 127 7.28 -35.22 -19.46
CA PRO C 127 7.64 -36.61 -19.73
C PRO C 127 8.64 -36.69 -20.89
N GLU C 128 9.31 -37.84 -20.96
CA GLU C 128 10.34 -38.03 -21.96
C GLU C 128 9.79 -37.82 -23.37
N TRP C 129 10.57 -37.14 -24.21
CA TRP C 129 10.21 -36.90 -25.61
C TRP C 129 11.00 -37.84 -26.49
N PRO C 130 10.33 -38.62 -27.36
CA PRO C 130 11.07 -39.42 -28.34
C PRO C 130 11.94 -38.56 -29.24
N GLY C 131 13.08 -39.11 -29.65
CA GLY C 131 14.07 -38.36 -30.40
C GLY C 131 15.08 -37.60 -29.57
N SER C 132 14.99 -37.67 -28.24
CA SER C 132 15.93 -37.04 -27.33
C SER C 132 15.65 -37.50 -25.90
N ARG C 133 16.17 -38.68 -25.54
CA ARG C 133 15.93 -39.26 -24.22
C ARG C 133 16.92 -38.79 -23.17
N ASP C 134 17.93 -37.99 -23.53
CA ASP C 134 18.84 -37.40 -22.57
C ASP C 134 18.43 -36.00 -22.14
N LYS C 135 17.37 -35.45 -22.73
CA LYS C 135 16.88 -34.12 -22.39
C LYS C 135 15.52 -34.22 -21.71
N ARG C 136 15.34 -33.41 -20.67
CA ARG C 136 14.04 -33.17 -20.07
C ARG C 136 13.91 -31.67 -19.86
N THR C 137 12.71 -31.15 -20.09
CA THR C 137 12.42 -29.74 -19.84
C THR C 137 11.63 -29.62 -18.56
N LEU C 138 12.03 -28.69 -17.70
CA LEU C 138 11.32 -28.40 -16.47
C LEU C 138 10.59 -27.08 -16.64
N ALA C 139 9.31 -27.06 -16.29
CA ALA C 139 8.47 -25.88 -16.38
C ALA C 139 8.04 -25.46 -14.99
N CYS C 140 7.98 -24.16 -14.76
CA CYS C 140 7.57 -23.61 -13.47
C CYS C 140 6.55 -22.51 -13.69
N LEU C 141 5.34 -22.72 -13.17
CA LEU C 141 4.31 -21.70 -13.18
C LEU C 141 4.34 -20.96 -11.85
N ILE C 142 4.55 -19.65 -11.91
CA ILE C 142 4.56 -18.78 -10.73
C ILE C 142 3.51 -17.71 -10.98
N GLN C 143 2.47 -17.67 -10.14
CA GLN C 143 1.31 -16.86 -10.47
C GLN C 143 0.70 -16.25 -9.21
N ASN C 144 -0.25 -15.33 -9.46
CA ASN C 144 -1.07 -14.71 -8.41
C ASN C 144 -0.22 -13.90 -7.42
N PHE C 145 0.82 -13.24 -7.92
CA PHE C 145 1.63 -12.37 -7.10
C PHE C 145 1.44 -10.90 -7.48
N MET C 146 1.51 -10.04 -6.48
CA MET C 146 1.46 -8.59 -6.67
C MET C 146 2.50 -7.92 -5.79
N PRO C 147 3.25 -6.94 -6.32
CA PRO C 147 3.19 -6.46 -7.71
C PRO C 147 4.01 -7.33 -8.68
N GLU C 148 4.32 -6.80 -9.85
CA GLU C 148 4.82 -7.62 -10.95
C GLU C 148 6.29 -8.01 -10.82
N ASP C 149 7.08 -7.27 -10.06
CA ASP C 149 8.51 -7.57 -9.94
C ASP C 149 8.71 -8.94 -9.32
N ILE C 150 9.53 -9.77 -9.97
CA ILE C 150 9.81 -11.11 -9.46
C ILE C 150 11.11 -11.60 -10.07
N SER C 151 11.84 -12.41 -9.31
CA SER C 151 13.03 -13.10 -9.78
C SER C 151 12.85 -14.60 -9.63
N VAL C 152 13.41 -15.36 -10.57
CA VAL C 152 13.29 -16.81 -10.58
C VAL C 152 14.69 -17.40 -10.75
N GLN C 153 15.04 -18.33 -9.86
CA GLN C 153 16.26 -19.11 -9.99
C GLN C 153 15.93 -20.59 -9.95
N TRP C 154 16.78 -21.39 -10.57
CA TRP C 154 16.68 -22.83 -10.55
C TRP C 154 17.86 -23.39 -9.76
N LEU C 155 17.57 -24.23 -8.78
CA LEU C 155 18.59 -24.77 -7.89
C LEU C 155 18.76 -26.26 -8.12
N HIS C 156 19.99 -26.74 -8.01
CA HIS C 156 20.34 -28.14 -8.14
C HIS C 156 21.37 -28.45 -7.07
N ASN C 157 21.09 -29.47 -6.25
CA ASN C 157 21.89 -29.80 -5.08
C ASN C 157 21.96 -28.62 -4.11
N GLU C 158 20.84 -27.89 -3.99
CA GLU C 158 20.72 -26.67 -3.21
C GLU C 158 21.66 -25.56 -3.68
N VAL C 159 22.23 -25.71 -4.88
CA VAL C 159 23.11 -24.70 -5.47
C VAL C 159 22.40 -24.08 -6.66
N GLN C 160 22.55 -22.77 -6.83
CA GLN C 160 21.86 -22.05 -7.88
C GLN C 160 22.53 -22.27 -9.24
N LEU C 161 21.74 -22.62 -10.24
CA LEU C 161 22.25 -22.78 -11.60
C LEU C 161 22.48 -21.41 -12.24
N PRO C 162 23.36 -21.34 -13.24
CA PRO C 162 23.58 -20.06 -13.92
C PRO C 162 22.29 -19.53 -14.55
N ASP C 163 22.18 -18.20 -14.58
CA ASP C 163 20.95 -17.58 -15.06
C ASP C 163 20.70 -17.85 -16.53
N ALA C 164 21.75 -17.98 -17.34
CA ALA C 164 21.57 -18.23 -18.77
C ALA C 164 20.97 -19.60 -19.04
N ARG C 165 20.95 -20.49 -18.05
CA ARG C 165 20.41 -21.83 -18.25
C ARG C 165 18.88 -21.83 -18.36
N HIS C 166 18.21 -20.80 -17.86
CA HIS C 166 16.76 -20.78 -17.82
C HIS C 166 16.24 -19.52 -18.50
N SER C 167 15.01 -19.61 -18.99
CA SER C 167 14.28 -18.46 -19.53
C SER C 167 13.03 -18.23 -18.69
N THR C 168 12.67 -16.96 -18.51
CA THR C 168 11.49 -16.59 -17.74
C THR C 168 10.68 -15.58 -18.55
N THR C 169 9.38 -15.83 -18.66
CA THR C 169 8.51 -14.94 -19.41
C THR C 169 8.29 -13.63 -18.65
N GLN C 170 7.99 -12.58 -19.39
CA GLN C 170 7.67 -11.30 -18.77
C GLN C 170 6.32 -11.41 -18.05
N PRO C 171 6.16 -10.77 -16.89
CA PRO C 171 4.91 -10.90 -16.14
C PRO C 171 3.70 -10.43 -16.95
N ARG C 172 2.59 -11.13 -16.77
CA ARG C 172 1.32 -10.81 -17.39
C ARG C 172 0.22 -10.86 -16.34
N LYS C 173 -0.73 -9.94 -16.44
CA LYS C 173 -1.82 -9.87 -15.47
C LYS C 173 -2.85 -10.96 -15.76
N THR C 174 -3.36 -11.56 -14.69
CA THR C 174 -4.27 -12.70 -14.80
C THR C 174 -5.70 -12.20 -15.03
N LYS C 175 -6.68 -13.09 -14.85
CA LYS C 175 -8.08 -12.72 -15.00
C LYS C 175 -8.47 -11.65 -13.98
N GLY C 176 -8.28 -11.95 -12.70
CA GLY C 176 -8.36 -10.94 -11.68
C GLY C 176 -7.05 -10.16 -11.63
N SER C 177 -6.84 -9.47 -10.52
CA SER C 177 -5.53 -8.88 -10.30
C SER C 177 -4.52 -10.00 -9.99
N GLY C 178 -3.25 -9.65 -10.12
CA GLY C 178 -2.22 -10.66 -9.95
C GLY C 178 -1.53 -10.99 -11.26
N PHE C 179 -0.28 -11.44 -11.15
CA PHE C 179 0.57 -11.67 -12.31
C PHE C 179 1.02 -13.13 -12.33
N PHE C 180 1.56 -13.53 -13.47
CA PHE C 180 2.13 -14.86 -13.61
C PHE C 180 3.30 -14.81 -14.57
N VAL C 181 4.27 -15.69 -14.32
CA VAL C 181 5.37 -15.95 -15.25
C VAL C 181 5.54 -17.45 -15.37
N PHE C 182 6.06 -17.88 -16.52
CA PHE C 182 6.52 -19.24 -16.71
C PHE C 182 8.04 -19.23 -16.78
N SER C 183 8.67 -20.24 -16.18
CA SER C 183 10.11 -20.41 -16.24
C SER C 183 10.41 -21.77 -16.83
N ARG C 184 11.34 -21.81 -17.77
CA ARG C 184 11.67 -23.02 -18.52
C ARG C 184 13.16 -23.32 -18.34
N LEU C 185 13.48 -24.58 -18.06
CA LEU C 185 14.85 -25.00 -17.81
C LEU C 185 15.10 -26.33 -18.49
N GLU C 186 16.05 -26.35 -19.43
CA GLU C 186 16.47 -27.58 -20.08
C GLU C 186 17.56 -28.24 -19.24
N VAL C 187 17.33 -29.49 -18.85
CA VAL C 187 18.28 -30.25 -18.03
C VAL C 187 18.70 -31.49 -18.78
N THR C 188 19.81 -32.08 -18.35
CA THR C 188 20.41 -33.24 -19.00
C THR C 188 20.31 -34.46 -18.08
N ARG C 189 20.50 -35.63 -18.69
CA ARG C 189 20.45 -36.88 -17.93
C ARG C 189 21.54 -36.94 -16.86
N ALA C 190 22.73 -36.42 -17.18
CA ALA C 190 23.81 -36.40 -16.20
C ALA C 190 23.41 -35.62 -14.95
N GLU C 191 22.51 -34.65 -15.08
CA GLU C 191 22.17 -33.80 -13.95
C GLU C 191 21.09 -34.42 -13.07
N TRP C 192 20.07 -35.05 -13.68
CA TRP C 192 19.01 -35.63 -12.85
C TRP C 192 19.41 -36.98 -12.27
N GLU C 193 20.31 -37.70 -12.93
CA GLU C 193 20.78 -38.97 -12.37
C GLU C 193 21.78 -38.74 -11.24
N GLN C 194 22.48 -37.60 -11.25
CA GLN C 194 23.30 -37.24 -10.11
C GLN C 194 22.43 -36.94 -8.89
N LYS C 195 21.39 -36.14 -9.06
CA LYS C 195 20.35 -36.00 -8.05
C LYS C 195 19.07 -35.56 -8.73
N ASP C 196 17.98 -36.28 -8.44
CA ASP C 196 16.68 -36.00 -9.06
C ASP C 196 15.85 -35.11 -8.14
N GLU C 197 16.33 -33.88 -7.98
CA GLU C 197 15.57 -32.82 -7.34
C GLU C 197 15.99 -31.49 -7.93
N PHE C 198 15.02 -30.66 -8.26
CA PHE C 198 15.28 -29.36 -8.85
C PHE C 198 14.32 -28.35 -8.21
N ILE C 199 14.86 -27.23 -7.77
CA ILE C 199 14.11 -26.23 -7.03
C ILE C 199 13.83 -25.07 -7.96
N CYS C 200 12.55 -24.80 -8.21
CA CYS C 200 12.12 -23.53 -8.80
C CYS C 200 11.80 -22.59 -7.65
N ARG C 201 12.61 -21.54 -7.50
CA ARG C 201 12.46 -20.59 -6.40
C ARG C 201 12.13 -19.22 -6.98
N ALA C 202 11.05 -18.62 -6.48
CA ALA C 202 10.64 -17.28 -6.87
C ALA C 202 10.97 -16.30 -5.76
N VAL C 203 11.57 -15.18 -6.13
CA VAL C 203 11.92 -14.11 -5.19
C VAL C 203 10.94 -12.97 -5.41
N HIS C 204 10.22 -12.60 -4.36
CA HIS C 204 9.18 -11.59 -4.45
C HIS C 204 9.04 -10.88 -3.12
N GLU C 205 8.79 -9.57 -3.16
CA GLU C 205 8.75 -8.77 -1.95
C GLU C 205 7.67 -9.25 -0.98
N ALA C 206 6.60 -9.86 -1.48
CA ALA C 206 5.48 -10.24 -0.64
C ALA C 206 5.60 -11.65 -0.06
N ALA C 207 6.63 -12.41 -0.43
CA ALA C 207 6.78 -13.75 0.10
C ALA C 207 7.32 -13.71 1.52
N SER C 208 6.95 -14.72 2.30
CA SER C 208 7.29 -14.78 3.71
C SER C 208 7.97 -16.12 4.02
N PRO C 209 8.93 -16.12 4.95
CA PRO C 209 9.40 -14.96 5.71
C PRO C 209 10.56 -14.20 5.07
N SER C 210 11.22 -14.79 4.06
CA SER C 210 12.43 -14.23 3.49
C SER C 210 12.29 -13.96 2.00
N GLN C 211 11.11 -13.50 1.58
CA GLN C 211 10.85 -13.07 0.20
C GLN C 211 11.08 -14.17 -0.83
N THR C 212 11.03 -15.45 -0.44
CA THR C 212 11.22 -16.55 -1.37
C THR C 212 10.10 -17.58 -1.22
N VAL C 213 9.65 -18.11 -2.35
CA VAL C 213 8.76 -19.27 -2.40
C VAL C 213 9.35 -20.24 -3.40
N GLN C 214 9.38 -21.53 -3.04
CA GLN C 214 10.03 -22.52 -3.88
C GLN C 214 9.23 -23.81 -3.89
N ARG C 215 9.50 -24.63 -4.90
CA ARG C 215 8.86 -25.93 -5.06
C ARG C 215 9.86 -26.89 -5.68
N ALA C 216 9.84 -28.13 -5.21
CA ALA C 216 10.73 -29.17 -5.72
C ALA C 216 10.04 -29.97 -6.81
N VAL C 217 10.77 -30.23 -7.89
CA VAL C 217 10.29 -31.06 -8.98
C VAL C 217 11.33 -32.12 -9.27
N SER C 218 10.87 -33.33 -9.59
CA SER C 218 11.74 -34.46 -9.90
C SER C 218 11.41 -34.98 -11.29
N VAL C 219 12.44 -35.43 -12.01
CA VAL C 219 12.23 -35.91 -13.37
C VAL C 219 11.48 -37.25 -13.37
N ASN C 220 11.63 -38.04 -12.31
CA ASN C 220 10.76 -39.19 -12.07
C ASN C 220 10.89 -39.66 -10.62
N GLY D 11 7.64 7.63 -31.95
CA GLY D 11 6.37 7.90 -31.29
C GLY D 11 5.23 7.04 -31.79
N VAL D 12 4.96 7.12 -33.09
CA VAL D 12 3.89 6.36 -33.73
C VAL D 12 4.50 5.10 -34.30
N SER D 13 4.18 3.96 -33.70
CA SER D 13 4.72 2.67 -34.11
C SER D 13 3.78 1.99 -35.09
N ALA D 14 4.34 1.09 -35.89
CA ALA D 14 3.59 0.36 -36.91
C ALA D 14 4.07 -1.08 -36.97
N TYR D 15 3.14 -2.02 -37.01
CA TYR D 15 3.42 -3.44 -37.08
C TYR D 15 2.54 -4.10 -38.13
N LEU D 16 3.05 -5.17 -38.73
CA LEU D 16 2.31 -5.92 -39.74
C LEU D 16 2.55 -7.40 -39.48
N SER D 17 1.49 -8.12 -39.12
CA SER D 17 1.59 -9.51 -38.70
C SER D 17 1.21 -10.45 -39.83
N ARG D 18 1.67 -11.68 -39.71
CA ARG D 18 1.38 -12.77 -40.65
C ARG D 18 0.08 -13.46 -40.25
N PRO D 19 -0.54 -14.21 -41.17
CA PRO D 19 -1.78 -14.90 -40.82
C PRO D 19 -1.59 -15.90 -39.70
N SER D 20 -2.63 -16.05 -38.90
CA SER D 20 -2.63 -17.07 -37.86
C SER D 20 -2.57 -18.45 -38.50
N PRO D 21 -1.72 -19.36 -37.99
CA PRO D 21 -1.70 -20.73 -38.53
C PRO D 21 -3.04 -21.43 -38.45
N PHE D 22 -3.86 -21.14 -37.43
CA PHE D 22 -5.20 -21.72 -37.36
C PHE D 22 -6.07 -21.20 -38.49
N ASP D 23 -6.01 -19.88 -38.76
CA ASP D 23 -6.81 -19.31 -39.85
C ASP D 23 -6.27 -19.71 -41.21
N LEU D 24 -4.96 -19.93 -41.32
CA LEU D 24 -4.33 -20.13 -42.63
C LEU D 24 -4.53 -21.54 -43.16
N PHE D 25 -4.40 -22.55 -42.30
CA PHE D 25 -4.43 -23.94 -42.74
C PHE D 25 -5.75 -24.65 -42.48
N ILE D 26 -6.52 -24.20 -41.50
CA ILE D 26 -7.79 -24.86 -41.16
C ILE D 26 -8.94 -24.09 -41.77
N ARG D 27 -9.16 -22.85 -41.33
CA ARG D 27 -10.24 -22.05 -41.88
C ARG D 27 -10.00 -21.66 -43.34
N LYS D 28 -8.75 -21.72 -43.80
CA LYS D 28 -8.38 -21.25 -45.14
C LYS D 28 -8.86 -19.81 -45.37
N SER D 29 -8.92 -19.04 -44.29
CA SER D 29 -9.33 -17.64 -44.32
C SER D 29 -8.26 -16.78 -43.66
N PRO D 30 -7.05 -16.74 -44.23
CA PRO D 30 -5.98 -15.98 -43.61
C PRO D 30 -6.23 -14.48 -43.70
N THR D 31 -5.79 -13.78 -42.66
CA THR D 31 -5.81 -12.33 -42.64
C THR D 31 -4.48 -11.83 -42.09
N ILE D 32 -4.04 -10.70 -42.62
CA ILE D 32 -2.88 -9.98 -42.10
C ILE D 32 -3.39 -8.68 -41.50
N THR D 33 -2.73 -8.23 -40.43
CA THR D 33 -3.19 -7.08 -39.67
C THR D 33 -2.08 -6.05 -39.57
N CYS D 34 -2.37 -4.83 -40.04
CA CYS D 34 -1.46 -3.70 -39.90
C CYS D 34 -1.89 -2.88 -38.69
N LEU D 35 -0.99 -2.74 -37.72
CA LEU D 35 -1.29 -2.11 -36.45
C LEU D 35 -0.49 -0.81 -36.31
N VAL D 36 -1.18 0.28 -36.00
CA VAL D 36 -0.57 1.58 -35.80
C VAL D 36 -0.85 2.02 -34.36
N VAL D 37 0.22 2.26 -33.60
CA VAL D 37 0.13 2.60 -32.18
C VAL D 37 0.71 4.00 -31.99
N ASP D 38 -0.13 4.92 -31.50
CA ASP D 38 0.33 6.28 -31.22
C ASP D 38 1.00 6.38 -29.87
N THR D 45 -6.16 12.12 -38.21
CA THR D 45 -6.49 10.77 -38.64
C THR D 45 -5.44 10.21 -39.57
N VAL D 46 -4.83 9.09 -39.19
CA VAL D 46 -3.84 8.42 -40.03
C VAL D 46 -4.57 7.57 -41.07
N GLN D 47 -3.90 7.34 -42.20
CA GLN D 47 -4.46 6.53 -43.28
C GLN D 47 -3.55 5.35 -43.55
N LEU D 48 -4.16 4.18 -43.75
CA LEU D 48 -3.44 2.97 -44.10
C LEU D 48 -3.85 2.53 -45.50
N THR D 49 -2.86 2.11 -46.29
CA THR D 49 -3.10 1.69 -47.67
C THR D 49 -2.46 0.34 -47.90
N TRP D 50 -3.26 -0.63 -48.35
CA TRP D 50 -2.75 -1.94 -48.69
C TRP D 50 -2.29 -1.96 -50.15
N SER D 51 -1.23 -2.72 -50.41
CA SER D 51 -0.69 -2.86 -51.75
C SER D 51 0.13 -4.13 -51.82
N ARG D 52 0.13 -4.76 -52.98
CA ARG D 52 0.88 -6.00 -53.22
C ARG D 52 2.07 -5.71 -54.11
N ALA D 53 3.21 -6.32 -53.77
CA ALA D 53 4.43 -6.08 -54.53
C ALA D 53 4.29 -6.55 -55.98
N SER D 54 3.48 -7.58 -56.22
CA SER D 54 3.23 -8.03 -57.59
C SER D 54 2.40 -7.02 -58.37
N GLY D 55 1.63 -6.18 -57.68
CA GLY D 55 0.70 -5.29 -58.33
C GLY D 55 -0.72 -5.82 -58.42
N LYS D 56 -0.94 -7.08 -58.07
CA LYS D 56 -2.27 -7.66 -58.13
C LYS D 56 -3.19 -6.97 -57.13
N PRO D 57 -4.51 -7.14 -57.30
CA PRO D 57 -5.46 -6.34 -56.51
C PRO D 57 -5.51 -6.80 -55.06
N VAL D 58 -5.59 -5.82 -54.15
CA VAL D 58 -5.81 -6.07 -52.73
C VAL D 58 -7.31 -6.09 -52.48
N GLN D 59 -7.75 -6.91 -51.54
CA GLN D 59 -9.16 -6.96 -51.19
C GLN D 59 -9.53 -5.77 -50.31
N HIS D 60 -10.83 -5.59 -50.10
CA HIS D 60 -11.31 -4.55 -49.21
C HIS D 60 -11.00 -4.92 -47.76
N SER D 61 -10.34 -4.01 -47.06
CA SER D 61 -9.87 -4.24 -45.69
C SER D 61 -10.81 -3.59 -44.68
N THR D 62 -10.93 -4.24 -43.53
CA THR D 62 -11.66 -3.70 -42.40
C THR D 62 -10.69 -2.88 -41.55
N ARG D 63 -11.14 -1.68 -41.18
CA ARG D 63 -10.34 -0.76 -40.37
C ARG D 63 -11.05 -0.51 -39.04
N LYS D 64 -10.31 -0.64 -37.95
CA LYS D 64 -10.84 -0.40 -36.61
C LYS D 64 -10.04 0.69 -35.92
N GLU D 65 -10.70 1.41 -35.02
CA GLU D 65 -10.10 2.56 -34.35
C GLU D 65 -10.58 2.58 -32.92
N GLU D 66 -9.64 2.69 -31.98
CA GLU D 66 -9.96 2.56 -30.56
C GLU D 66 -9.04 3.45 -29.74
N LYS D 67 -9.62 4.22 -28.83
CA LYS D 67 -8.85 5.05 -27.91
C LYS D 67 -8.51 4.23 -26.67
N GLN D 68 -7.23 4.25 -26.29
CA GLN D 68 -6.77 3.48 -25.15
C GLN D 68 -6.82 4.31 -23.88
N ARG D 69 -6.73 3.62 -22.74
CA ARG D 69 -6.84 4.28 -21.45
C ARG D 69 -5.64 5.16 -21.13
N ASN D 70 -4.51 4.96 -21.82
CA ASN D 70 -3.34 5.81 -21.65
C ASN D 70 -3.30 6.95 -22.66
N GLY D 71 -4.44 7.33 -23.23
CA GLY D 71 -4.50 8.38 -24.23
C GLY D 71 -4.05 7.98 -25.61
N THR D 72 -3.62 6.74 -25.81
CA THR D 72 -3.14 6.29 -27.12
C THR D 72 -4.32 5.98 -28.03
N LEU D 73 -4.17 6.33 -29.30
CA LEU D 73 -5.10 5.93 -30.35
C LEU D 73 -4.47 4.81 -31.16
N THR D 74 -5.24 3.76 -31.41
CA THR D 74 -4.74 2.56 -32.08
C THR D 74 -5.59 2.30 -33.33
N VAL D 75 -4.94 2.19 -34.48
CA VAL D 75 -5.60 1.93 -35.75
C VAL D 75 -5.17 0.54 -36.23
N THR D 76 -6.15 -0.32 -36.49
CA THR D 76 -5.90 -1.70 -36.91
C THR D 76 -6.64 -1.96 -38.22
N SER D 77 -5.91 -2.40 -39.23
CA SER D 77 -6.49 -2.75 -40.53
C SER D 77 -6.27 -4.23 -40.77
N THR D 78 -7.35 -4.97 -41.03
CA THR D 78 -7.31 -6.40 -41.24
C THR D 78 -7.66 -6.69 -42.70
N LEU D 79 -6.68 -7.21 -43.44
CA LEU D 79 -6.85 -7.46 -44.87
C LEU D 79 -6.99 -8.94 -45.12
N PRO D 80 -8.08 -9.40 -45.74
CA PRO D 80 -8.15 -10.80 -46.18
C PRO D 80 -7.18 -11.05 -47.32
N VAL D 81 -6.45 -12.17 -47.23
CA VAL D 81 -5.51 -12.56 -48.26
C VAL D 81 -5.88 -13.92 -48.79
N GLY D 82 -5.55 -14.17 -50.06
CA GLY D 82 -5.79 -15.48 -50.64
C GLY D 82 -4.85 -16.51 -50.05
N THR D 83 -5.40 -17.69 -49.73
CA THR D 83 -4.61 -18.75 -49.13
C THR D 83 -3.45 -19.15 -50.05
N ARG D 84 -3.76 -19.45 -51.32
CA ARG D 84 -2.70 -19.78 -52.26
C ARG D 84 -1.78 -18.59 -52.49
N ASP D 85 -2.33 -17.37 -52.49
CA ASP D 85 -1.51 -16.19 -52.70
C ASP D 85 -0.47 -16.03 -51.60
N TRP D 86 -0.85 -16.35 -50.35
CA TRP D 86 0.09 -16.21 -49.24
C TRP D 86 1.15 -17.31 -49.27
N ILE D 87 0.75 -18.55 -49.53
CA ILE D 87 1.70 -19.65 -49.56
C ILE D 87 2.63 -19.56 -50.77
N GLU D 88 2.20 -18.90 -51.84
CA GLU D 88 3.04 -18.75 -53.02
C GLU D 88 4.10 -17.66 -52.86
N GLY D 89 4.11 -16.94 -51.75
CA GLY D 89 5.15 -15.98 -51.47
C GLY D 89 4.85 -14.53 -51.81
N GLU D 90 3.59 -14.12 -51.78
CA GLU D 90 3.26 -12.73 -52.04
C GLU D 90 3.75 -11.83 -50.91
N THR D 91 4.17 -10.61 -51.26
CA THR D 91 4.63 -9.62 -50.29
C THR D 91 3.64 -8.47 -50.26
N TYR D 92 2.97 -8.31 -49.12
CA TYR D 92 1.98 -7.26 -48.94
C TYR D 92 2.61 -6.08 -48.20
N GLN D 93 2.19 -4.87 -48.57
CA GLN D 93 2.75 -3.65 -48.01
C GLN D 93 1.66 -2.82 -47.35
N CYS D 94 2.01 -2.19 -46.23
CA CYS D 94 1.11 -1.31 -45.50
C CYS D 94 1.75 0.07 -45.42
N ARG D 95 1.09 1.07 -46.00
CA ARG D 95 1.60 2.43 -46.05
C ARG D 95 0.78 3.31 -45.10
N VAL D 96 1.47 3.97 -44.17
CA VAL D 96 0.83 4.77 -43.13
C VAL D 96 1.21 6.23 -43.34
N THR D 97 0.21 7.11 -43.36
CA THR D 97 0.44 8.55 -43.46
C THR D 97 -0.62 9.32 -42.68
N LEU D 105 6.46 5.99 -43.51
CA LEU D 105 6.58 4.71 -42.83
C LEU D 105 5.73 3.65 -43.51
N MET D 106 6.37 2.56 -43.94
CA MET D 106 5.67 1.46 -44.57
C MET D 106 6.26 0.13 -44.14
N ARG D 107 5.40 -0.87 -43.96
CA ARG D 107 5.78 -2.20 -43.54
C ARG D 107 5.46 -3.21 -44.63
N SER D 108 6.18 -4.33 -44.59
CA SER D 108 5.97 -5.42 -45.52
C SER D 108 5.92 -6.74 -44.76
N THR D 109 5.10 -7.66 -45.24
CA THR D 109 5.04 -9.00 -44.67
C THR D 109 5.00 -10.02 -45.79
N THR D 110 5.64 -11.16 -45.55
CA THR D 110 5.61 -12.28 -46.47
C THR D 110 5.79 -13.55 -45.66
N LYS D 111 5.61 -14.69 -46.31
CA LYS D 111 5.72 -15.96 -45.61
C LYS D 111 7.13 -16.16 -45.07
N THR D 112 7.23 -16.92 -43.98
CA THR D 112 8.54 -17.24 -43.42
C THR D 112 9.17 -18.39 -44.19
N SER D 113 10.41 -18.17 -44.65
CA SER D 113 11.20 -19.25 -45.22
C SER D 113 11.93 -19.97 -44.10
N GLY D 114 12.81 -20.89 -44.46
CA GLY D 114 13.65 -21.54 -43.48
C GLY D 114 13.18 -22.94 -43.10
N PRO D 115 13.95 -23.60 -42.24
CA PRO D 115 13.62 -24.98 -41.88
C PRO D 115 12.37 -25.05 -41.01
N ARG D 116 11.75 -26.22 -41.03
CA ARG D 116 10.50 -26.47 -40.32
C ARG D 116 10.68 -27.61 -39.33
N ALA D 117 9.95 -27.55 -38.22
CA ALA D 117 10.01 -28.56 -37.19
C ALA D 117 8.70 -28.59 -36.42
N ALA D 118 8.21 -29.80 -36.14
CA ALA D 118 6.96 -29.96 -35.43
C ALA D 118 7.12 -29.54 -33.97
N PRO D 119 6.05 -29.08 -33.33
CA PRO D 119 6.14 -28.65 -31.94
C PRO D 119 5.92 -29.77 -30.94
N GLU D 120 6.59 -29.64 -29.80
CA GLU D 120 6.37 -30.53 -28.66
C GLU D 120 5.33 -29.91 -27.75
N VAL D 121 4.32 -30.68 -27.37
CA VAL D 121 3.22 -30.20 -26.55
C VAL D 121 3.18 -30.99 -25.25
N TYR D 122 3.09 -30.28 -24.13
CA TYR D 122 2.92 -30.88 -22.82
C TYR D 122 1.91 -30.03 -22.05
N ALA D 123 0.91 -30.69 -21.47
CA ALA D 123 -0.11 -30.01 -20.68
C ALA D 123 -0.05 -30.48 -19.24
N PHE D 124 -0.16 -29.53 -18.31
CA PHE D 124 -0.07 -29.82 -16.88
C PHE D 124 -1.25 -29.18 -16.17
N ALA D 125 -1.55 -29.72 -14.99
CA ALA D 125 -2.57 -29.16 -14.11
C ALA D 125 -1.94 -28.89 -12.75
N THR D 126 -2.16 -27.70 -12.22
CA THR D 126 -1.63 -27.38 -10.91
C THR D 126 -2.39 -28.12 -9.83
N PRO D 127 -1.73 -28.46 -8.72
CA PRO D 127 -2.47 -28.82 -7.52
C PRO D 127 -3.22 -27.61 -6.99
N GLU D 128 -4.19 -27.86 -6.12
CA GLU D 128 -4.97 -26.77 -5.56
C GLU D 128 -4.10 -25.92 -4.65
N TRP D 129 -4.02 -24.62 -4.94
CA TRP D 129 -3.42 -23.69 -4.00
C TRP D 129 -4.20 -23.73 -2.69
N PRO D 130 -3.57 -23.29 -1.59
CA PRO D 130 -4.25 -23.35 -0.28
C PRO D 130 -5.60 -22.64 -0.29
N GLY D 131 -5.78 -21.72 -1.23
CA GLY D 131 -7.03 -21.00 -1.34
C GLY D 131 -7.89 -21.43 -2.51
N SER D 132 -7.26 -21.84 -3.61
CA SER D 132 -7.98 -22.16 -4.85
C SER D 132 -8.50 -23.60 -4.82
N ARG D 133 -9.55 -23.80 -4.01
CA ARG D 133 -10.15 -25.13 -3.90
C ARG D 133 -11.10 -25.42 -5.04
N ASP D 134 -11.76 -24.40 -5.59
CA ASP D 134 -12.73 -24.58 -6.66
C ASP D 134 -12.25 -24.06 -8.00
N LYS D 135 -11.04 -23.52 -8.07
CA LYS D 135 -10.43 -23.11 -9.33
C LYS D 135 -9.10 -23.85 -9.49
N ARG D 136 -8.80 -24.24 -10.71
CA ARG D 136 -7.55 -24.93 -11.03
C ARG D 136 -6.94 -24.30 -12.27
N THR D 137 -5.62 -24.30 -12.35
CA THR D 137 -4.90 -23.67 -13.44
C THR D 137 -4.24 -24.72 -14.31
N LEU D 138 -4.50 -24.66 -15.61
CA LEU D 138 -3.88 -25.54 -16.57
C LEU D 138 -2.80 -24.78 -17.32
N ALA D 139 -1.69 -25.45 -17.58
CA ALA D 139 -0.56 -24.85 -18.28
C ALA D 139 -0.16 -25.74 -19.43
N CYS D 140 0.28 -25.12 -20.52
CA CYS D 140 0.73 -25.87 -21.69
C CYS D 140 2.05 -25.30 -22.18
N LEU D 141 3.01 -26.18 -22.40
CA LEU D 141 4.31 -25.81 -22.96
C LEU D 141 4.40 -26.36 -24.37
N ILE D 142 4.67 -25.48 -25.33
CA ILE D 142 4.90 -25.85 -26.72
C ILE D 142 6.26 -25.29 -27.12
N GLN D 143 7.19 -26.17 -27.49
CA GLN D 143 8.57 -25.78 -27.70
C GLN D 143 9.17 -26.52 -28.89
N ASN D 144 10.28 -25.97 -29.40
CA ASN D 144 11.13 -26.59 -30.42
C ASN D 144 10.42 -26.70 -31.77
N PHE D 145 9.71 -25.64 -32.16
CA PHE D 145 9.04 -25.58 -33.46
C PHE D 145 9.64 -24.47 -34.31
N MET D 146 9.59 -24.66 -35.63
CA MET D 146 10.10 -23.68 -36.58
C MET D 146 9.18 -23.57 -37.79
N PRO D 147 8.84 -22.34 -38.20
CA PRO D 147 9.25 -21.09 -37.56
C PRO D 147 8.37 -20.72 -36.35
N GLU D 148 8.36 -19.43 -36.01
CA GLU D 148 7.69 -18.96 -34.80
C GLU D 148 6.17 -18.92 -34.92
N ASP D 149 5.63 -18.93 -36.14
CA ASP D 149 4.19 -18.83 -36.32
C ASP D 149 3.49 -20.07 -35.75
N ILE D 150 2.65 -19.87 -34.74
CA ILE D 150 1.90 -20.96 -34.13
C ILE D 150 0.62 -20.40 -33.53
N SER D 151 -0.39 -21.26 -33.44
CA SER D 151 -1.64 -20.96 -32.75
C SER D 151 -1.84 -21.99 -31.64
N VAL D 152 -2.26 -21.52 -30.47
CA VAL D 152 -2.52 -22.39 -29.33
C VAL D 152 -3.98 -22.25 -28.95
N GLN D 153 -4.67 -23.37 -28.82
CA GLN D 153 -6.09 -23.41 -28.52
C GLN D 153 -6.34 -24.36 -27.36
N TRP D 154 -7.38 -24.06 -26.58
CA TRP D 154 -7.82 -24.93 -25.49
C TRP D 154 -9.23 -25.40 -25.80
N LEU D 155 -9.44 -26.71 -25.68
CA LEU D 155 -10.72 -27.31 -26.03
C LEU D 155 -11.26 -28.11 -24.85
N HIS D 156 -12.58 -28.13 -24.73
CA HIS D 156 -13.27 -28.89 -23.69
C HIS D 156 -14.53 -29.49 -24.31
N ASN D 157 -14.63 -30.82 -24.29
CA ASN D 157 -15.69 -31.55 -24.98
C ASN D 157 -15.67 -31.27 -26.47
N GLU D 158 -14.46 -31.20 -27.04
CA GLU D 158 -14.20 -31.01 -28.46
C GLU D 158 -14.71 -29.67 -28.98
N VAL D 159 -15.08 -28.74 -28.09
CA VAL D 159 -15.48 -27.39 -28.47
C VAL D 159 -14.39 -26.43 -28.02
N GLN D 160 -13.92 -25.61 -28.96
CA GLN D 160 -12.86 -24.64 -28.65
C GLN D 160 -13.39 -23.60 -27.68
N LEU D 161 -12.55 -23.23 -26.72
CA LEU D 161 -12.92 -22.23 -25.72
C LEU D 161 -12.68 -20.83 -26.25
N PRO D 162 -13.33 -19.82 -25.67
CA PRO D 162 -13.06 -18.44 -26.08
C PRO D 162 -11.61 -18.06 -25.86
N ASP D 163 -11.04 -17.35 -26.84
CA ASP D 163 -9.62 -17.00 -26.79
C ASP D 163 -9.28 -16.20 -25.54
N ALA D 164 -10.20 -15.34 -25.07
CA ALA D 164 -9.94 -14.49 -23.93
C ALA D 164 -9.78 -15.28 -22.63
N ARG D 165 -10.14 -16.56 -22.61
CA ARG D 165 -10.02 -17.35 -21.39
C ARG D 165 -8.61 -17.88 -21.16
N HIS D 166 -7.76 -17.86 -22.18
CA HIS D 166 -6.38 -18.32 -22.04
C HIS D 166 -5.43 -17.23 -22.49
N SER D 167 -4.19 -17.31 -22.01
CA SER D 167 -3.15 -16.34 -22.31
C SER D 167 -1.91 -17.08 -22.79
N THR D 168 -1.51 -16.83 -24.03
CA THR D 168 -0.35 -17.45 -24.62
C THR D 168 0.76 -16.41 -24.80
N THR D 169 1.98 -16.79 -24.47
CA THR D 169 3.13 -15.91 -24.68
C THR D 169 3.52 -15.90 -26.15
N GLN D 170 4.14 -14.80 -26.58
CA GLN D 170 4.69 -14.77 -27.92
C GLN D 170 5.94 -15.64 -27.99
N PRO D 171 6.22 -16.22 -29.15
CA PRO D 171 7.33 -17.18 -29.24
C PRO D 171 8.68 -16.51 -29.01
N ARG D 172 9.46 -17.09 -28.11
CA ARG D 172 10.83 -16.68 -27.84
C ARG D 172 11.78 -17.79 -28.27
N LYS D 173 12.94 -17.41 -28.76
CA LYS D 173 13.91 -18.38 -29.26
C LYS D 173 14.41 -19.27 -28.13
N THR D 174 14.57 -20.56 -28.45
CA THR D 174 15.01 -21.54 -27.46
C THR D 174 16.40 -21.23 -26.92
N PHE D 179 12.05 -22.14 -30.95
CA PHE D 179 11.05 -21.26 -30.35
C PHE D 179 10.14 -22.03 -29.39
N PHE D 180 9.59 -21.32 -28.40
CA PHE D 180 8.67 -21.94 -27.46
C PHE D 180 7.65 -20.92 -27.00
N VAL D 181 6.44 -21.41 -26.69
CA VAL D 181 5.39 -20.60 -26.10
C VAL D 181 4.84 -21.33 -24.89
N PHE D 182 4.35 -20.56 -23.92
CA PHE D 182 3.60 -21.07 -22.79
C PHE D 182 2.15 -20.59 -22.90
N SER D 183 1.22 -21.46 -22.54
CA SER D 183 -0.19 -21.11 -22.50
C SER D 183 -0.75 -21.40 -21.12
N ARG D 184 -1.71 -20.59 -20.69
CA ARG D 184 -2.27 -20.67 -19.36
C ARG D 184 -3.79 -20.59 -19.43
N LEU D 185 -4.47 -21.55 -18.83
CA LEU D 185 -5.93 -21.58 -18.83
C LEU D 185 -6.42 -21.94 -17.44
N GLU D 186 -7.20 -21.04 -16.84
CA GLU D 186 -7.87 -21.31 -15.57
C GLU D 186 -9.20 -21.98 -15.84
N VAL D 187 -9.42 -23.14 -15.22
CA VAL D 187 -10.68 -23.87 -15.35
C VAL D 187 -11.36 -23.92 -13.99
N THR D 188 -12.68 -23.88 -14.02
CA THR D 188 -13.49 -23.87 -12.80
C THR D 188 -13.96 -25.29 -12.47
N ARG D 189 -14.51 -25.43 -11.26
CA ARG D 189 -14.94 -26.75 -10.79
C ARG D 189 -16.07 -27.30 -11.65
N ALA D 190 -16.96 -26.42 -12.12
CA ALA D 190 -18.09 -26.87 -12.91
C ALA D 190 -17.63 -27.52 -14.22
N GLU D 191 -16.50 -27.06 -14.77
CA GLU D 191 -16.04 -27.56 -16.05
C GLU D 191 -15.43 -28.96 -15.94
N TRP D 192 -14.48 -29.14 -15.01
CA TRP D 192 -13.82 -30.44 -14.92
C TRP D 192 -14.75 -31.51 -14.33
N GLU D 193 -15.71 -31.10 -13.50
CA GLU D 193 -16.72 -32.06 -13.04
C GLU D 193 -17.66 -32.46 -14.17
N GLN D 194 -17.86 -31.58 -15.16
CA GLN D 194 -18.61 -31.97 -16.34
C GLN D 194 -17.84 -33.01 -17.15
N LYS D 195 -16.58 -32.72 -17.45
CA LYS D 195 -15.65 -33.74 -17.95
C LYS D 195 -14.24 -33.31 -17.60
N ASP D 196 -13.50 -34.18 -16.92
CA ASP D 196 -12.15 -33.88 -16.46
C ASP D 196 -11.14 -34.22 -17.56
N GLU D 197 -11.25 -33.48 -18.65
CA GLU D 197 -10.32 -33.63 -19.78
C GLU D 197 -10.28 -32.32 -20.54
N PHE D 198 -9.08 -31.75 -20.68
CA PHE D 198 -8.89 -30.50 -21.39
C PHE D 198 -7.75 -30.67 -22.37
N ILE D 199 -7.96 -30.23 -23.60
CA ILE D 199 -7.00 -30.44 -24.69
C ILE D 199 -6.29 -29.12 -24.98
N CYS D 200 -4.96 -29.15 -24.97
CA CYS D 200 -4.15 -28.06 -25.48
C CYS D 200 -3.74 -28.42 -26.90
N ARG D 201 -4.18 -27.63 -27.87
CA ARG D 201 -3.93 -27.92 -29.27
C ARG D 201 -3.05 -26.83 -29.87
N ALA D 202 -1.97 -27.26 -30.51
CA ALA D 202 -1.08 -26.35 -31.24
C ALA D 202 -1.29 -26.56 -32.73
N VAL D 203 -1.55 -25.48 -33.45
CA VAL D 203 -1.64 -25.51 -34.90
C VAL D 203 -0.36 -24.89 -35.44
N HIS D 204 0.45 -25.70 -36.11
CA HIS D 204 1.75 -25.27 -36.61
C HIS D 204 1.92 -25.70 -38.06
N GLU D 205 2.67 -24.88 -38.81
CA GLU D 205 2.90 -25.17 -40.22
C GLU D 205 3.59 -26.52 -40.42
N ALA D 206 4.53 -26.84 -39.55
CA ALA D 206 5.30 -28.09 -39.64
C ALA D 206 4.67 -29.23 -38.86
N ALA D 207 3.52 -29.01 -38.23
CA ALA D 207 2.85 -30.09 -37.51
C ALA D 207 2.28 -31.10 -38.49
N SER D 208 2.40 -32.38 -38.14
CA SER D 208 1.92 -33.46 -38.99
C SER D 208 1.05 -34.42 -38.17
N PRO D 209 0.01 -34.99 -38.81
CA PRO D 209 -0.31 -34.88 -40.24
C PRO D 209 -1.37 -33.83 -40.63
N SER D 210 -2.11 -33.29 -39.66
CA SER D 210 -3.19 -32.34 -39.96
C SER D 210 -2.86 -30.94 -39.47
N GLN D 211 -1.57 -30.58 -39.44
CA GLN D 211 -1.11 -29.32 -38.88
C GLN D 211 -1.58 -29.13 -37.44
N THR D 212 -1.78 -30.24 -36.73
CA THR D 212 -2.32 -30.21 -35.38
C THR D 212 -1.52 -31.17 -34.51
N VAL D 213 -0.96 -30.66 -33.42
CA VAL D 213 -0.37 -31.48 -32.37
C VAL D 213 -1.04 -31.04 -31.07
N GLN D 214 -1.68 -31.99 -30.38
CA GLN D 214 -2.46 -31.64 -29.21
C GLN D 214 -2.17 -32.62 -28.07
N ARG D 215 -2.44 -32.15 -26.86
CA ARG D 215 -2.28 -32.95 -25.65
C ARG D 215 -3.48 -32.73 -24.74
N ALA D 216 -3.80 -33.76 -23.96
CA ALA D 216 -4.89 -33.69 -22.99
C ALA D 216 -4.34 -33.69 -21.58
N VAL D 217 -5.09 -33.09 -20.66
CA VAL D 217 -4.70 -33.02 -19.26
C VAL D 217 -5.97 -33.06 -18.41
N SER D 218 -5.84 -33.63 -17.21
CA SER D 218 -6.95 -33.75 -16.28
C SER D 218 -6.59 -33.11 -14.95
N VAL D 219 -7.61 -32.71 -14.21
CA VAL D 219 -7.42 -31.91 -13.00
C VAL D 219 -6.98 -32.78 -11.82
N ASN D 220 -7.71 -33.85 -11.56
CA ASN D 220 -7.38 -34.72 -10.42
C ASN D 220 -6.21 -35.65 -10.75
N VAL E 12 10.13 -33.32 15.44
CA VAL E 12 11.12 -32.26 15.62
C VAL E 12 10.75 -31.05 14.77
N SER E 13 10.73 -29.88 15.40
CA SER E 13 10.42 -28.64 14.71
C SER E 13 11.36 -27.54 15.20
N ALA E 14 11.59 -26.55 14.34
CA ALA E 14 12.48 -25.45 14.63
C ALA E 14 11.80 -24.14 14.30
N TYR E 15 12.08 -23.12 15.10
CA TYR E 15 11.50 -21.79 14.95
C TYR E 15 12.58 -20.73 15.02
N LEU E 16 12.43 -19.67 14.24
CA LEU E 16 13.40 -18.59 14.17
C LEU E 16 12.65 -17.27 14.28
N SER E 17 12.89 -16.53 15.35
CA SER E 17 12.16 -15.31 15.66
C SER E 17 12.90 -14.08 15.15
N ARG E 18 12.16 -13.00 15.04
CA ARG E 18 12.69 -11.67 14.80
C ARG E 18 13.01 -11.00 16.13
N PRO E 19 13.82 -9.94 16.13
CA PRO E 19 14.07 -9.23 17.38
C PRO E 19 12.80 -8.59 17.90
N SER E 20 12.69 -8.53 19.22
CA SER E 20 11.60 -7.77 19.81
C SER E 20 11.83 -6.28 19.52
N PRO E 21 10.76 -5.52 19.26
CA PRO E 21 10.94 -4.06 19.09
C PRO E 21 11.58 -3.41 20.30
N PHE E 22 11.36 -3.96 21.50
CA PHE E 22 11.99 -3.41 22.70
C PHE E 22 13.50 -3.57 22.63
N ASP E 23 13.99 -4.79 22.36
CA ASP E 23 15.43 -4.99 22.24
C ASP E 23 16.00 -4.18 21.09
N LEU E 24 15.25 -4.08 19.98
CA LEU E 24 15.77 -3.43 18.78
C LEU E 24 15.85 -1.91 18.95
N PHE E 25 14.82 -1.30 19.57
CA PHE E 25 14.71 0.15 19.59
C PHE E 25 14.97 0.78 20.95
N ILE E 26 14.63 0.12 22.05
CA ILE E 26 14.87 0.69 23.38
C ILE E 26 16.23 0.20 23.88
N ARG E 27 16.42 -1.12 23.93
CA ARG E 27 17.68 -1.66 24.41
C ARG E 27 18.80 -1.45 23.39
N LYS E 28 18.46 -1.35 22.11
CA LYS E 28 19.44 -1.25 21.03
C LYS E 28 20.40 -2.44 21.03
N SER E 29 19.92 -3.59 21.51
CA SER E 29 20.67 -4.85 21.47
C SER E 29 19.75 -5.93 20.93
N PRO E 30 19.45 -5.91 19.63
CA PRO E 30 18.51 -6.89 19.08
C PRO E 30 19.15 -8.26 18.96
N THR E 31 18.37 -9.29 19.26
CA THR E 31 18.80 -10.68 19.11
C THR E 31 17.70 -11.48 18.43
N ILE E 32 18.10 -12.58 17.82
CA ILE E 32 17.16 -13.54 17.24
C ILE E 32 17.41 -14.91 17.86
N THR E 33 16.35 -15.69 17.99
CA THR E 33 16.40 -16.98 18.67
C THR E 33 16.02 -18.08 17.71
N CYS E 34 16.83 -19.13 17.67
CA CYS E 34 16.50 -20.37 16.96
C CYS E 34 16.10 -21.40 18.00
N LEU E 35 14.86 -21.87 17.93
CA LEU E 35 14.28 -22.74 18.96
C LEU E 35 13.95 -24.09 18.35
N VAL E 36 14.68 -25.12 18.76
CA VAL E 36 14.45 -26.49 18.33
C VAL E 36 13.73 -27.23 19.44
N VAL E 37 12.63 -27.90 19.11
CA VAL E 37 11.88 -28.71 20.06
C VAL E 37 11.74 -30.11 19.50
N ASP E 38 11.54 -31.07 20.40
CA ASP E 38 11.39 -32.47 20.01
C ASP E 38 9.96 -32.95 20.24
N THR E 45 21.28 -34.22 20.94
CA THR E 45 22.40 -33.36 20.54
C THR E 45 22.19 -32.81 19.14
N VAL E 46 21.66 -31.60 19.05
CA VAL E 46 21.39 -30.95 17.77
C VAL E 46 22.39 -29.83 17.55
N GLN E 47 22.70 -29.58 16.29
CA GLN E 47 23.67 -28.57 15.88
C GLN E 47 22.96 -27.43 15.17
N LEU E 48 23.36 -26.20 15.49
CA LEU E 48 22.74 -25.00 14.95
C LEU E 48 23.81 -24.11 14.34
N THR E 49 23.61 -23.72 13.09
CA THR E 49 24.58 -22.91 12.35
C THR E 49 23.92 -21.64 11.85
N TRP E 50 24.53 -20.50 12.14
CA TRP E 50 24.04 -19.21 11.69
C TRP E 50 24.82 -18.74 10.46
N SER E 51 24.16 -17.90 9.66
CA SER E 51 24.77 -17.35 8.45
C SER E 51 23.93 -16.18 7.99
N ARG E 52 24.41 -15.49 6.96
CA ARG E 52 23.71 -14.35 6.38
C ARG E 52 23.54 -14.54 4.89
N ALA E 53 22.38 -14.15 4.38
CA ALA E 53 22.11 -14.25 2.95
C ALA E 53 23.04 -13.38 2.13
N SER E 54 23.52 -12.29 2.70
CA SER E 54 24.53 -11.45 2.05
C SER E 54 25.92 -12.09 2.07
N GLY E 55 26.14 -13.10 2.91
CA GLY E 55 27.45 -13.71 3.05
C GLY E 55 28.35 -13.02 4.06
N LYS E 56 27.92 -11.92 4.66
CA LYS E 56 28.71 -11.22 5.65
C LYS E 56 28.82 -12.06 6.93
N PRO E 57 29.87 -11.85 7.71
CA PRO E 57 30.09 -12.70 8.89
C PRO E 57 28.99 -12.54 9.93
N VAL E 58 28.99 -13.48 10.88
CA VAL E 58 27.96 -13.59 11.90
C VAL E 58 28.64 -13.67 13.26
N GLN E 59 28.03 -13.04 14.27
CA GLN E 59 28.60 -13.00 15.60
C GLN E 59 28.44 -14.35 16.31
N HIS E 60 28.94 -14.40 17.55
CA HIS E 60 28.92 -15.63 18.35
C HIS E 60 27.56 -15.80 19.01
N SER E 61 27.06 -17.03 18.98
CA SER E 61 25.72 -17.35 19.49
C SER E 61 25.82 -17.99 20.88
N THR E 62 24.72 -17.88 21.62
CA THR E 62 24.59 -18.48 22.93
C THR E 62 23.65 -19.68 22.86
N ARG E 63 24.12 -20.83 23.33
CA ARG E 63 23.39 -22.09 23.22
C ARG E 63 22.93 -22.54 24.60
N LYS E 64 21.68 -23.01 24.67
CA LYS E 64 21.10 -23.45 25.93
C LYS E 64 20.17 -24.62 25.68
N GLU E 65 20.26 -25.63 26.54
CA GLU E 65 19.38 -26.80 26.48
C GLU E 65 18.53 -26.85 27.75
N GLU E 66 17.37 -27.50 27.64
CA GLU E 66 16.43 -27.56 28.75
C GLU E 66 15.60 -28.83 28.65
N LYS E 67 15.51 -29.56 29.76
CA LYS E 67 14.63 -30.72 29.86
C LYS E 67 13.26 -30.26 30.34
N GLN E 68 12.22 -30.75 29.69
CA GLN E 68 10.84 -30.35 29.96
C GLN E 68 10.09 -31.45 30.69
N ARG E 69 8.87 -31.12 31.13
CA ARG E 69 8.07 -32.07 31.88
C ARG E 69 7.54 -33.20 30.99
N ASN E 70 7.26 -32.91 29.72
CA ASN E 70 6.76 -33.93 28.81
C ASN E 70 7.85 -34.81 28.22
N GLY E 71 9.09 -34.69 28.72
CA GLY E 71 10.19 -35.51 28.25
C GLY E 71 10.85 -35.05 26.97
N THR E 72 10.53 -33.85 26.50
CA THR E 72 11.08 -33.32 25.25
C THR E 72 12.12 -32.25 25.58
N LEU E 73 13.28 -32.36 24.94
CA LEU E 73 14.33 -31.36 25.11
C LEU E 73 14.03 -30.13 24.25
N THR E 74 14.43 -28.97 24.74
CA THR E 74 14.34 -27.73 23.99
C THR E 74 15.73 -27.10 23.93
N VAL E 75 16.25 -26.91 22.72
CA VAL E 75 17.54 -26.30 22.49
C VAL E 75 17.32 -24.95 21.84
N THR E 76 17.93 -23.92 22.41
CA THR E 76 17.80 -22.55 21.90
C THR E 76 19.17 -22.01 21.54
N SER E 77 19.21 -21.21 20.47
CA SER E 77 20.41 -20.47 20.09
C SER E 77 20.02 -19.01 19.92
N THR E 78 20.57 -18.14 20.76
CA THR E 78 20.29 -16.71 20.72
C THR E 78 21.47 -16.00 20.08
N LEU E 79 21.21 -15.27 19.00
CA LEU E 79 22.25 -14.63 18.22
C LEU E 79 22.08 -13.12 18.25
N PRO E 80 23.06 -12.37 18.76
CA PRO E 80 23.02 -10.91 18.59
C PRO E 80 23.17 -10.54 17.13
N VAL E 81 22.41 -9.54 16.70
CA VAL E 81 22.47 -9.04 15.32
C VAL E 81 22.70 -7.54 15.35
N GLY E 82 23.28 -7.04 14.26
CA GLY E 82 23.53 -5.61 14.15
C GLY E 82 22.24 -4.84 13.95
N THR E 83 22.14 -3.69 14.62
CA THR E 83 20.94 -2.88 14.54
C THR E 83 20.73 -2.34 13.13
N ARG E 84 21.74 -1.69 12.56
CA ARG E 84 21.62 -1.18 11.20
C ARG E 84 21.55 -2.31 10.18
N ASP E 85 22.18 -3.44 10.48
CA ASP E 85 22.09 -4.60 9.59
C ASP E 85 20.65 -5.10 9.50
N TRP E 86 19.99 -5.25 10.63
CA TRP E 86 18.60 -5.73 10.62
C TRP E 86 17.67 -4.72 9.97
N ILE E 87 17.80 -3.44 10.32
CA ILE E 87 16.93 -2.40 9.78
C ILE E 87 17.10 -2.28 8.28
N GLU E 88 18.32 -2.52 7.77
CA GLU E 88 18.57 -2.44 6.33
C GLU E 88 17.97 -3.60 5.55
N GLY E 89 17.40 -4.59 6.22
CA GLY E 89 16.79 -5.71 5.55
C GLY E 89 17.65 -6.96 5.38
N GLU E 90 18.65 -7.14 6.23
CA GLU E 90 19.48 -8.33 6.16
C GLU E 90 18.69 -9.58 6.54
N THR E 91 19.06 -10.71 5.94
CA THR E 91 18.42 -12.00 6.18
C THR E 91 19.38 -12.91 6.92
N TYR E 92 18.94 -13.43 8.06
CA TYR E 92 19.73 -14.34 8.89
C TYR E 92 19.15 -15.74 8.83
N GLN E 93 20.03 -16.73 8.89
CA GLN E 93 19.66 -18.12 8.65
C GLN E 93 20.12 -19.00 9.80
N CYS E 94 19.26 -19.95 10.18
CA CYS E 94 19.57 -20.96 11.18
C CYS E 94 19.39 -22.34 10.57
N ARG E 95 20.38 -23.20 10.74
CA ARG E 95 20.36 -24.55 10.17
C ARG E 95 20.54 -25.57 11.29
N VAL E 96 19.60 -26.50 11.38
CA VAL E 96 19.58 -27.51 12.44
C VAL E 96 19.89 -28.87 11.83
N THR E 97 20.72 -29.64 12.52
CA THR E 97 21.07 -31.00 12.09
C THR E 97 21.05 -31.92 13.30
N HIS E 98 20.68 -33.18 13.05
CA HIS E 98 20.61 -34.20 14.09
C HIS E 98 20.58 -35.56 13.40
N PRO E 99 20.89 -36.64 14.15
CA PRO E 99 20.98 -38.07 13.86
C PRO E 99 20.29 -38.50 12.56
N LEU E 101 16.95 -36.79 12.65
CA LEU E 101 16.26 -36.19 11.52
C LEU E 101 16.92 -36.60 10.20
N PRO E 102 16.14 -36.64 9.12
CA PRO E 102 16.69 -37.07 7.82
C PRO E 102 17.49 -35.97 7.14
N ARG E 103 16.86 -34.83 6.90
CA ARG E 103 17.49 -33.70 6.23
C ARG E 103 17.54 -32.50 7.17
N ALA E 104 18.49 -31.61 6.91
CA ALA E 104 18.70 -30.45 7.76
C ALA E 104 17.53 -29.48 7.65
N LEU E 105 17.13 -28.91 8.80
CA LEU E 105 16.07 -27.93 8.86
C LEU E 105 16.65 -26.53 8.68
N MET E 106 16.10 -25.78 7.73
CA MET E 106 16.54 -24.43 7.44
C MET E 106 15.46 -23.43 7.84
N ARG E 107 15.82 -22.46 8.67
CA ARG E 107 14.94 -21.37 9.04
C ARG E 107 15.63 -20.05 8.72
N SER E 108 14.86 -19.06 8.27
CA SER E 108 15.40 -17.76 7.90
C SER E 108 14.48 -16.66 8.40
N THR E 109 15.08 -15.50 8.67
CA THR E 109 14.34 -14.37 9.23
C THR E 109 14.93 -13.07 8.68
N THR E 110 14.08 -12.05 8.56
CA THR E 110 14.49 -10.75 8.08
C THR E 110 13.48 -9.71 8.55
N LYS E 111 13.76 -8.45 8.24
CA LYS E 111 12.86 -7.36 8.59
C LYS E 111 11.54 -7.51 7.86
N THR E 112 10.44 -7.33 8.60
CA THR E 112 9.13 -7.44 7.97
C THR E 112 8.88 -6.29 7.01
N SER E 113 8.28 -6.61 5.87
CA SER E 113 8.05 -5.65 4.80
C SER E 113 6.60 -5.15 4.84
N GLY E 114 6.22 -4.37 3.83
CA GLY E 114 4.88 -3.84 3.74
C GLY E 114 4.77 -2.46 4.34
N PRO E 115 3.62 -1.81 4.14
CA PRO E 115 3.42 -0.48 4.72
C PRO E 115 3.47 -0.52 6.24
N ARG E 116 3.84 0.62 6.83
CA ARG E 116 3.95 0.74 8.27
C ARG E 116 2.91 1.71 8.79
N ALA E 117 2.32 1.38 9.94
CA ALA E 117 1.36 2.24 10.61
C ALA E 117 1.62 2.16 12.11
N ALA E 118 1.68 3.32 12.75
CA ALA E 118 1.94 3.37 14.17
C ALA E 118 0.79 2.74 14.94
N PRO E 119 1.06 2.17 16.11
CA PRO E 119 -0.02 1.59 16.91
C PRO E 119 -0.85 2.66 17.60
N GLU E 120 -2.12 2.36 17.78
CA GLU E 120 -3.03 3.19 18.55
C GLU E 120 -3.32 2.47 19.86
N VAL E 121 -3.04 3.14 20.97
CA VAL E 121 -3.04 2.53 22.30
C VAL E 121 -4.20 3.08 23.09
N TYR E 122 -5.00 2.19 23.68
CA TYR E 122 -6.03 2.59 24.63
C TYR E 122 -6.07 1.59 25.78
N ALA E 123 -6.19 2.12 26.99
CA ALA E 123 -6.09 1.33 28.21
C ALA E 123 -7.36 1.44 29.03
N PHE E 124 -7.79 0.31 29.59
CA PHE E 124 -9.00 0.20 30.38
C PHE E 124 -8.68 -0.23 31.79
N ALA E 125 -9.51 0.21 32.73
CA ALA E 125 -9.51 -0.28 34.10
C ALA E 125 -10.86 -0.95 34.35
N THR E 126 -10.83 -2.23 34.72
CA THR E 126 -12.07 -2.95 34.96
C THR E 126 -12.67 -2.55 36.31
N PRO E 127 -13.99 -2.60 36.44
CA PRO E 127 -14.62 -2.35 37.74
C PRO E 127 -14.39 -3.51 38.70
N GLU E 128 -14.76 -3.28 39.95
CA GLU E 128 -14.57 -4.28 40.98
C GLU E 128 -15.52 -5.46 40.78
N TRP E 129 -15.01 -6.68 41.01
CA TRP E 129 -15.85 -7.85 40.82
C TRP E 129 -16.49 -8.28 42.13
N PRO E 130 -17.71 -8.83 42.08
CA PRO E 130 -18.49 -9.29 43.23
C PRO E 130 -17.89 -10.52 43.90
N ARG E 133 -11.98 -6.66 44.82
CA ARG E 133 -11.75 -5.63 45.84
C ARG E 133 -10.27 -5.52 46.19
N ASP E 134 -9.65 -6.67 46.50
CA ASP E 134 -8.22 -6.69 46.78
C ASP E 134 -7.38 -6.55 45.52
N LYS E 135 -7.97 -6.69 44.34
CA LYS E 135 -7.22 -6.74 43.10
C LYS E 135 -8.10 -6.25 41.96
N ARG E 136 -7.51 -5.43 41.08
CA ARG E 136 -8.21 -4.92 39.89
C ARG E 136 -7.36 -5.21 38.67
N THR E 137 -8.02 -5.31 37.52
CA THR E 137 -7.37 -5.70 36.27
C THR E 137 -7.36 -4.52 35.30
N LEU E 138 -6.21 -4.27 34.70
CA LEU E 138 -6.08 -3.26 33.65
C LEU E 138 -5.90 -3.96 32.31
N ALA E 139 -6.58 -3.45 31.29
CA ALA E 139 -6.50 -4.00 29.94
C ALA E 139 -6.04 -2.91 29.00
N CYS E 140 -5.26 -3.30 28.00
CA CYS E 140 -4.73 -2.36 27.02
C CYS E 140 -4.99 -2.89 25.62
N LEU E 141 -5.69 -2.11 24.82
CA LEU E 141 -5.95 -2.43 23.43
C LEU E 141 -4.99 -1.61 22.56
N ILE E 142 -4.19 -2.31 21.77
CA ILE E 142 -3.20 -1.69 20.89
C ILE E 142 -3.48 -2.23 19.50
N GLN E 143 -3.92 -1.36 18.59
CA GLN E 143 -4.47 -1.83 17.32
C GLN E 143 -4.02 -0.93 16.17
N ASN E 144 -4.26 -1.43 14.96
CA ASN E 144 -4.04 -0.72 13.70
C ASN E 144 -2.56 -0.45 13.43
N PHE E 145 -1.67 -1.34 13.86
CA PHE E 145 -0.26 -1.21 13.55
C PHE E 145 0.15 -2.24 12.49
N MET E 146 1.15 -1.85 11.70
CA MET E 146 1.78 -2.72 10.73
C MET E 146 3.26 -2.40 10.74
N PRO E 147 4.13 -3.42 10.73
CA PRO E 147 3.81 -4.86 10.79
C PRO E 147 3.43 -5.37 12.18
N GLU E 148 3.35 -6.69 12.33
CA GLU E 148 2.82 -7.32 13.54
C GLU E 148 3.76 -7.29 14.73
N ASP E 149 5.04 -7.00 14.52
CA ASP E 149 6.01 -7.03 15.62
C ASP E 149 5.80 -5.85 16.56
N ILE E 150 5.52 -6.15 17.83
CA ILE E 150 5.25 -5.11 18.82
C ILE E 150 5.71 -5.61 20.18
N SER E 151 6.13 -4.68 21.02
CA SER E 151 6.45 -4.94 22.42
C SER E 151 5.54 -4.09 23.29
N VAL E 152 5.09 -4.66 24.41
CA VAL E 152 4.22 -3.96 25.34
C VAL E 152 4.87 -3.99 26.71
N GLN E 153 5.05 -2.82 27.32
CA GLN E 153 5.53 -2.71 28.68
C GLN E 153 4.54 -1.91 29.50
N TRP E 154 4.45 -2.23 30.79
CA TRP E 154 3.63 -1.50 31.74
C TRP E 154 4.55 -0.75 32.70
N LEU E 155 4.21 0.50 32.97
CA LEU E 155 4.99 1.33 33.87
C LEU E 155 4.13 1.81 35.03
N HIS E 156 4.79 2.06 36.15
CA HIS E 156 4.16 2.60 37.35
C HIS E 156 5.24 3.32 38.13
N ASN E 157 4.99 4.57 38.52
CA ASN E 157 5.99 5.43 39.17
C ASN E 157 7.22 5.59 38.28
N GLU E 158 6.99 5.80 36.99
CA GLU E 158 8.01 6.02 35.96
C GLU E 158 8.94 4.83 35.76
N VAL E 159 8.76 3.73 36.50
CA VAL E 159 9.62 2.56 36.38
C VAL E 159 8.81 1.42 35.79
N GLN E 160 9.49 0.60 34.96
CA GLN E 160 8.82 -0.50 34.29
C GLN E 160 8.56 -1.65 35.26
N LEU E 161 7.34 -2.18 35.21
CA LEU E 161 7.03 -3.37 35.99
C LEU E 161 7.66 -4.60 35.35
N PRO E 162 7.97 -5.63 36.15
CA PRO E 162 8.50 -6.88 35.57
C PRO E 162 7.57 -7.42 34.49
N ASP E 163 8.17 -8.00 33.45
CA ASP E 163 7.39 -8.51 32.33
C ASP E 163 6.40 -9.58 32.77
N ALA E 164 6.74 -10.36 33.80
CA ALA E 164 5.87 -11.43 34.28
C ALA E 164 4.58 -10.90 34.91
N ARG E 165 4.50 -9.60 35.23
CA ARG E 165 3.28 -9.05 35.81
C ARG E 165 2.14 -8.95 34.81
N HIS E 166 2.43 -8.98 33.51
CA HIS E 166 1.41 -8.83 32.48
C HIS E 166 1.51 -9.96 31.48
N SER E 167 0.49 -10.07 30.63
CA SER E 167 0.49 -11.00 29.51
C SER E 167 -0.15 -10.30 28.31
N THR E 168 0.41 -10.54 27.14
CA THR E 168 -0.01 -9.87 25.91
C THR E 168 -0.41 -10.92 24.89
N THR E 169 -1.59 -10.75 24.30
CA THR E 169 -2.02 -11.66 23.26
C THR E 169 -1.09 -11.58 22.06
N GLN E 170 -1.10 -12.65 21.26
CA GLN E 170 -0.34 -12.64 20.03
C GLN E 170 -1.07 -11.83 18.96
N PRO E 171 -0.32 -11.14 18.09
CA PRO E 171 -0.96 -10.24 17.11
C PRO E 171 -1.93 -10.99 16.20
N ARG E 172 -3.14 -10.45 16.08
CA ARG E 172 -4.16 -10.96 15.18
C ARG E 172 -4.52 -9.87 14.17
N LYS E 173 -4.71 -10.26 12.93
CA LYS E 173 -5.01 -9.30 11.88
C LYS E 173 -6.43 -8.78 12.05
N THR E 174 -6.58 -7.46 12.01
CA THR E 174 -7.90 -6.84 12.12
C THR E 174 -8.64 -7.00 10.80
N LYS E 175 -9.77 -6.30 10.65
CA LYS E 175 -10.55 -6.41 9.42
C LYS E 175 -9.81 -5.78 8.25
N GLY E 176 -9.20 -4.63 8.47
CA GLY E 176 -8.35 -4.03 7.46
C GLY E 176 -7.00 -4.70 7.40
N SER E 177 -5.97 -3.92 7.09
CA SER E 177 -4.63 -4.48 6.95
C SER E 177 -3.93 -4.64 8.29
N GLY E 178 -4.30 -3.85 9.28
CA GLY E 178 -3.53 -3.76 10.51
C GLY E 178 -3.73 -4.94 11.45
N PHE E 179 -3.00 -4.87 12.57
CA PHE E 179 -3.00 -5.89 13.61
C PHE E 179 -3.43 -5.28 14.94
N PHE E 180 -3.72 -6.16 15.90
CA PHE E 180 -4.03 -5.72 17.25
C PHE E 180 -3.55 -6.77 18.24
N VAL E 181 -3.19 -6.29 19.43
CA VAL E 181 -2.95 -7.15 20.58
C VAL E 181 -3.70 -6.57 21.77
N PHE E 182 -3.95 -7.42 22.75
CA PHE E 182 -4.42 -7.01 24.07
C PHE E 182 -3.36 -7.34 25.10
N SER E 183 -3.18 -6.47 26.08
CA SER E 183 -2.29 -6.72 27.20
C SER E 183 -3.06 -6.57 28.50
N ARG E 184 -2.81 -7.49 29.43
CA ARG E 184 -3.56 -7.57 30.68
C ARG E 184 -2.61 -7.47 31.86
N LEU E 185 -2.88 -6.54 32.77
CA LEU E 185 -2.05 -6.34 33.96
C LEU E 185 -2.94 -6.29 35.20
N GLU E 186 -2.77 -7.27 36.08
CA GLU E 186 -3.42 -7.21 37.39
C GLU E 186 -2.65 -6.27 38.30
N VAL E 187 -3.37 -5.42 39.01
CA VAL E 187 -2.77 -4.51 39.97
C VAL E 187 -3.44 -4.71 41.33
N THR E 188 -2.68 -4.45 42.39
CA THR E 188 -3.18 -4.53 43.74
C THR E 188 -3.54 -3.14 44.27
N ARG E 189 -4.37 -3.10 45.30
CA ARG E 189 -4.78 -1.82 45.87
C ARG E 189 -3.62 -1.09 46.53
N ALA E 190 -2.64 -1.83 47.05
CA ALA E 190 -1.45 -1.18 47.59
C ALA E 190 -0.67 -0.44 46.52
N GLU E 191 -0.88 -0.77 45.25
CA GLU E 191 -0.13 -0.11 44.18
C GLU E 191 -0.82 1.17 43.74
N TRP E 192 -2.14 1.15 43.54
CA TRP E 192 -2.82 2.34 43.07
C TRP E 192 -3.05 3.36 44.18
N GLU E 193 -3.11 2.92 45.44
CA GLU E 193 -3.17 3.88 46.54
C GLU E 193 -1.85 4.63 46.68
N GLN E 194 -0.72 3.97 46.35
CA GLN E 194 0.56 4.67 46.32
C GLN E 194 0.60 5.68 45.17
N LYS E 195 0.17 5.26 43.98
CA LYS E 195 -0.07 6.15 42.86
C LYS E 195 -1.01 5.47 41.89
N ASP E 196 -2.00 6.21 41.43
CA ASP E 196 -3.09 5.66 40.62
C ASP E 196 -2.95 6.01 39.14
N GLU E 197 -1.72 5.90 38.61
CA GLU E 197 -1.47 6.07 37.18
C GLU E 197 -0.63 4.89 36.72
N PHE E 198 -1.14 4.15 35.74
CA PHE E 198 -0.43 3.02 35.15
C PHE E 198 -0.35 3.25 33.64
N ILE E 199 0.86 3.11 33.09
CA ILE E 199 1.11 3.46 31.70
C ILE E 199 1.25 2.16 30.90
N CYS E 200 0.39 2.00 29.91
CA CYS E 200 0.56 0.95 28.89
C CYS E 200 1.36 1.54 27.74
N ARG E 201 2.43 0.88 27.36
CA ARG E 201 3.35 1.42 26.37
C ARG E 201 3.63 0.38 25.30
N ALA E 202 3.40 0.75 24.04
CA ALA E 202 3.76 -0.08 22.91
C ALA E 202 5.07 0.40 22.31
N VAL E 203 5.94 -0.54 21.98
CA VAL E 203 7.15 -0.27 21.20
C VAL E 203 6.92 -0.85 19.81
N HIS E 204 7.16 -0.04 18.78
CA HIS E 204 6.84 -0.45 17.43
C HIS E 204 7.66 0.37 16.45
N GLU E 205 8.12 -0.27 15.37
CA GLU E 205 9.01 0.39 14.42
C GLU E 205 8.34 1.58 13.74
N ALA E 206 7.00 1.59 13.64
CA ALA E 206 6.29 2.68 12.99
C ALA E 206 5.86 3.77 13.95
N ALA E 207 5.91 3.53 15.26
CA ALA E 207 5.62 4.58 16.23
C ALA E 207 6.64 5.70 16.10
N SER E 208 6.17 6.93 16.31
CA SER E 208 7.00 8.10 16.07
C SER E 208 7.05 9.05 17.26
N PRO E 209 8.21 9.68 17.46
CA PRO E 209 9.42 9.49 16.66
C PRO E 209 10.42 8.55 17.31
N SER E 210 10.17 8.16 18.57
CA SER E 210 11.09 7.34 19.33
C SER E 210 10.65 5.90 19.45
N GLN E 211 9.83 5.42 18.51
CA GLN E 211 9.36 4.04 18.43
C GLN E 211 8.52 3.62 19.62
N THR E 212 7.93 4.56 20.36
CA THR E 212 7.03 4.24 21.45
C THR E 212 5.76 5.08 21.37
N VAL E 213 4.66 4.47 21.77
CA VAL E 213 3.38 5.16 21.96
C VAL E 213 2.78 4.60 23.23
N GLN E 214 2.17 5.47 24.04
CA GLN E 214 1.70 5.06 25.35
C GLN E 214 0.38 5.72 25.69
N ARG E 215 -0.31 5.15 26.66
CA ARG E 215 -1.57 5.66 27.18
C ARG E 215 -1.62 5.39 28.67
N ALA E 216 -2.00 6.39 29.45
CA ALA E 216 -2.14 6.25 30.89
C ALA E 216 -3.58 5.90 31.26
N VAL E 217 -3.74 5.12 32.31
CA VAL E 217 -5.04 4.71 32.80
C VAL E 217 -5.02 4.72 34.33
N SER E 218 -6.13 5.17 34.92
CA SER E 218 -6.29 5.22 36.36
C SER E 218 -7.40 4.26 36.79
N VAL E 219 -7.29 3.78 38.02
CA VAL E 219 -8.33 2.90 38.56
C VAL E 219 -9.58 3.70 38.88
N ASN E 220 -9.42 4.92 39.36
CA ASN E 220 -10.55 5.78 39.69
C ASN E 220 -10.49 7.10 38.92
N TYR F 15 -5.19 -35.70 16.46
CA TYR F 15 -5.71 -34.89 17.55
C TYR F 15 -7.21 -35.09 17.71
N LEU F 16 -7.72 -34.86 18.93
CA LEU F 16 -9.12 -35.09 19.23
C LEU F 16 -9.61 -33.94 20.10
N SER F 17 -10.66 -33.26 19.63
CA SER F 17 -11.19 -32.07 20.29
C SER F 17 -12.44 -32.41 21.09
N ARG F 18 -12.74 -31.55 22.06
CA ARG F 18 -13.92 -31.63 22.89
C ARG F 18 -15.00 -30.69 22.38
N PRO F 19 -16.25 -30.91 22.76
CA PRO F 19 -17.33 -30.02 22.29
C PRO F 19 -17.18 -28.63 22.86
N SER F 20 -17.58 -27.64 22.07
CA SER F 20 -17.58 -26.27 22.54
C SER F 20 -18.72 -26.05 23.52
N PRO F 21 -18.53 -25.19 24.52
CA PRO F 21 -19.63 -24.87 25.43
C PRO F 21 -20.86 -24.32 24.71
N PHE F 22 -20.67 -23.57 23.62
CA PHE F 22 -21.80 -23.09 22.84
C PHE F 22 -22.67 -24.25 22.36
N ASP F 23 -22.04 -25.23 21.70
CA ASP F 23 -22.79 -26.40 21.23
C ASP F 23 -23.38 -27.19 22.38
N LEU F 24 -22.66 -27.26 23.51
CA LEU F 24 -23.10 -28.10 24.61
C LEU F 24 -24.28 -27.49 25.34
N PHE F 25 -24.29 -26.18 25.50
CA PHE F 25 -25.29 -25.50 26.32
C PHE F 25 -26.26 -24.65 25.49
N ILE F 26 -25.75 -23.84 24.56
CA ILE F 26 -26.64 -22.97 23.80
C ILE F 26 -27.41 -23.76 22.75
N ARG F 27 -26.70 -24.59 21.99
CA ARG F 27 -27.32 -25.36 20.90
C ARG F 27 -27.84 -26.73 21.35
N LYS F 28 -27.21 -27.36 22.34
CA LYS F 28 -27.61 -28.67 22.84
C LYS F 28 -27.40 -29.79 21.81
N SER F 29 -26.41 -29.65 20.95
CA SER F 29 -26.02 -30.69 20.00
C SER F 29 -24.50 -30.72 19.90
N PRO F 30 -23.83 -31.28 20.91
CA PRO F 30 -22.37 -31.28 20.93
C PRO F 30 -21.76 -32.23 19.93
N THR F 31 -20.57 -31.86 19.45
CA THR F 31 -19.81 -32.69 18.53
C THR F 31 -18.36 -32.70 18.96
N ILE F 32 -17.65 -33.75 18.54
CA ILE F 32 -16.19 -33.84 18.68
C ILE F 32 -15.60 -34.08 17.30
N THR F 33 -14.36 -33.64 17.12
CA THR F 33 -13.69 -33.71 15.82
C THR F 33 -12.35 -34.40 15.99
N CYS F 34 -12.13 -35.47 15.23
CA CYS F 34 -10.85 -36.15 15.15
C CYS F 34 -10.09 -35.59 13.95
N LEU F 35 -8.93 -34.98 14.22
CA LEU F 35 -8.11 -34.39 13.19
C LEU F 35 -6.86 -35.25 13.00
N VAL F 36 -6.61 -35.66 11.76
CA VAL F 36 -5.41 -36.42 11.40
C VAL F 36 -4.58 -35.52 10.48
N VAL F 37 -3.40 -35.11 10.97
CA VAL F 37 -2.52 -34.25 10.20
C VAL F 37 -1.61 -35.10 9.32
N LEU F 48 -10.12 -44.64 10.86
CA LEU F 48 -10.67 -43.72 11.85
C LEU F 48 -12.04 -44.20 12.33
N THR F 49 -12.08 -44.73 13.55
CA THR F 49 -13.30 -45.28 14.13
C THR F 49 -13.53 -44.68 15.51
N TRP F 50 -14.79 -44.43 15.84
CA TRP F 50 -15.17 -43.85 17.12
C TRP F 50 -15.64 -44.94 18.08
N SER F 51 -15.22 -44.82 19.33
CA SER F 51 -15.62 -45.76 20.38
C SER F 51 -15.84 -45.01 21.68
N ARG F 52 -16.80 -45.50 22.47
CA ARG F 52 -17.07 -44.93 23.77
C ARG F 52 -16.34 -45.69 24.88
N GLY F 55 -17.93 -49.71 25.57
CA GLY F 55 -18.66 -48.50 25.26
C GLY F 55 -20.11 -48.73 24.87
N LYS F 56 -20.98 -47.81 25.26
CA LYS F 56 -22.40 -47.82 24.91
C LYS F 56 -22.57 -47.49 23.43
N PRO F 57 -23.80 -47.48 22.88
CA PRO F 57 -24.01 -47.04 21.49
C PRO F 57 -23.27 -45.77 21.10
N GLN F 59 -22.84 -42.97 17.36
CA GLN F 59 -23.69 -42.16 16.49
C GLN F 59 -23.05 -42.03 15.10
N HIS F 60 -23.83 -41.59 14.12
CA HIS F 60 -23.35 -41.52 12.75
C HIS F 60 -22.23 -40.48 12.62
N SER F 61 -21.22 -40.83 11.82
CA SER F 61 -20.03 -40.01 11.66
C SER F 61 -20.07 -39.22 10.36
N THR F 62 -19.32 -38.11 10.36
CA THR F 62 -19.21 -37.23 9.20
C THR F 62 -17.74 -36.97 8.92
N ARG F 63 -17.31 -37.23 7.69
CA ARG F 63 -15.90 -37.15 7.31
C ARG F 63 -15.69 -36.03 6.30
N LYS F 64 -14.54 -35.37 6.39
CA LYS F 64 -14.17 -34.29 5.48
C LYS F 64 -12.68 -34.41 5.17
N GLU F 65 -12.34 -34.51 3.89
CA GLU F 65 -10.95 -34.63 3.47
C GLU F 65 -10.17 -33.36 3.77
N ASN F 70 0.53 -27.67 1.22
CA ASN F 70 1.69 -28.13 1.99
C ASN F 70 2.17 -29.51 1.51
N GLY F 71 1.32 -30.18 0.73
CA GLY F 71 1.63 -31.50 0.23
C GLY F 71 1.17 -32.64 1.11
N THR F 72 0.78 -32.37 2.35
CA THR F 72 0.29 -33.38 3.28
C THR F 72 -1.21 -33.21 3.46
N LEU F 73 -1.98 -34.23 3.09
CA LEU F 73 -3.43 -34.15 3.17
C LEU F 73 -3.89 -34.18 4.61
N THR F 74 -4.84 -33.30 4.94
CA THR F 74 -5.43 -33.21 6.27
C THR F 74 -6.85 -33.74 6.22
N VAL F 75 -7.17 -34.67 7.13
CA VAL F 75 -8.47 -35.31 7.19
C VAL F 75 -9.10 -35.03 8.55
N THR F 76 -10.36 -34.64 8.55
CA THR F 76 -11.13 -34.40 9.77
C THR F 76 -12.41 -35.23 9.74
N SER F 77 -12.78 -35.76 10.90
CA SER F 77 -14.04 -36.47 11.07
C SER F 77 -14.74 -35.91 12.30
N THR F 78 -16.00 -35.50 12.13
CA THR F 78 -16.78 -34.88 13.18
C THR F 78 -17.90 -35.82 13.60
N LEU F 79 -17.95 -36.15 14.89
CA LEU F 79 -18.92 -37.10 15.42
C LEU F 79 -19.79 -36.42 16.47
N PRO F 80 -21.11 -36.48 16.34
CA PRO F 80 -21.98 -35.96 17.39
C PRO F 80 -21.99 -36.87 18.61
N VAL F 81 -22.18 -36.26 19.77
CA VAL F 81 -22.20 -36.99 21.04
C VAL F 81 -23.46 -36.61 21.80
N GLY F 82 -23.94 -37.53 22.63
CA GLY F 82 -25.08 -37.24 23.47
C GLY F 82 -24.71 -36.23 24.55
N THR F 83 -25.63 -35.30 24.80
CA THR F 83 -25.36 -34.24 25.77
C THR F 83 -25.13 -34.82 27.16
N ARG F 84 -26.07 -35.65 27.63
CA ARG F 84 -25.93 -36.23 28.96
C ARG F 84 -24.68 -37.09 29.06
N ASP F 85 -24.35 -37.81 27.99
CA ASP F 85 -23.21 -38.73 28.03
C ASP F 85 -21.90 -38.00 28.31
N TRP F 86 -21.68 -36.88 27.63
CA TRP F 86 -20.47 -36.09 27.90
C TRP F 86 -20.52 -35.46 29.28
N ILE F 87 -21.72 -35.15 29.77
CA ILE F 87 -21.84 -34.66 31.15
C ILE F 87 -21.56 -35.77 32.14
N GLU F 88 -21.90 -37.02 31.80
CA GLU F 88 -21.69 -38.14 32.70
C GLU F 88 -20.23 -38.58 32.77
N GLY F 89 -19.35 -37.99 31.98
CA GLY F 89 -17.95 -38.37 31.99
C GLY F 89 -17.58 -39.51 31.06
N GLU F 90 -18.31 -39.68 29.96
CA GLU F 90 -17.98 -40.72 29.00
C GLU F 90 -16.68 -40.41 28.29
N THR F 91 -15.91 -41.46 27.99
CA THR F 91 -14.62 -41.33 27.33
C THR F 91 -14.75 -41.76 25.87
N TYR F 92 -14.44 -40.86 24.95
CA TYR F 92 -14.52 -41.11 23.52
C TYR F 92 -13.11 -41.22 22.94
N GLN F 93 -12.97 -42.07 21.92
CA GLN F 93 -11.68 -42.33 21.30
C GLN F 93 -11.82 -42.34 19.79
N CYS F 94 -10.77 -41.93 19.10
CA CYS F 94 -10.74 -41.94 17.64
C CYS F 94 -9.98 -43.16 17.12
N ARG F 107 -6.72 -40.23 19.44
CA ARG F 107 -6.41 -40.54 20.83
C ARG F 107 -7.69 -40.65 21.66
N SER F 108 -7.61 -40.25 22.92
CA SER F 108 -8.71 -40.36 23.86
C SER F 108 -9.16 -38.97 24.31
N THR F 109 -10.48 -38.77 24.34
CA THR F 109 -11.06 -37.53 24.84
C THR F 109 -12.22 -37.85 25.77
N THR F 110 -12.45 -36.96 26.73
CA THR F 110 -13.52 -37.11 27.71
C THR F 110 -13.69 -35.78 28.41
N LYS F 111 -14.76 -35.67 29.20
CA LYS F 111 -15.00 -34.47 29.98
C LYS F 111 -13.88 -34.28 30.99
N THR F 112 -13.18 -33.15 30.88
CA THR F 112 -12.02 -32.90 31.73
C THR F 112 -12.46 -32.70 33.18
N SER F 113 -11.79 -33.40 34.09
CA SER F 113 -12.05 -33.24 35.51
C SER F 113 -11.10 -32.20 36.10
N GLY F 114 -11.56 -31.52 37.14
CA GLY F 114 -10.77 -30.49 37.78
C GLY F 114 -11.63 -29.46 38.48
N PRO F 115 -10.99 -28.47 39.08
CA PRO F 115 -11.75 -27.40 39.75
C PRO F 115 -12.51 -26.55 38.75
N ARG F 116 -13.57 -25.91 39.24
CA ARG F 116 -14.50 -25.14 38.44
C ARG F 116 -14.52 -23.69 38.91
N ALA F 117 -14.66 -22.76 37.96
CA ALA F 117 -14.71 -21.34 38.28
C ALA F 117 -15.40 -20.61 37.16
N ALA F 118 -16.35 -19.75 37.50
CA ALA F 118 -17.14 -19.03 36.51
C ALA F 118 -16.35 -17.88 35.90
N PRO F 119 -16.63 -17.51 34.66
CA PRO F 119 -15.89 -16.42 34.03
C PRO F 119 -16.39 -15.04 34.46
N GLU F 120 -15.45 -14.13 34.64
CA GLU F 120 -15.74 -12.72 34.83
C GLU F 120 -15.74 -12.02 33.48
N VAL F 121 -16.72 -11.16 33.26
CA VAL F 121 -16.93 -10.53 31.96
C VAL F 121 -16.94 -9.02 32.12
N TYR F 122 -16.14 -8.33 31.32
CA TYR F 122 -16.09 -6.87 31.29
C TYR F 122 -16.15 -6.41 29.84
N ALA F 123 -17.10 -5.53 29.54
CA ALA F 123 -17.29 -5.02 28.18
C ALA F 123 -16.83 -3.57 28.10
N PHE F 124 -16.10 -3.25 27.03
CA PHE F 124 -15.42 -1.98 26.93
C PHE F 124 -15.57 -1.40 25.53
N ALA F 125 -15.62 -0.07 25.46
CA ALA F 125 -15.75 0.65 24.19
C ALA F 125 -14.63 1.67 24.08
N THR F 126 -13.97 1.69 22.93
CA THR F 126 -12.90 2.66 22.71
C THR F 126 -13.49 4.05 22.47
N PRO F 127 -12.73 5.11 22.78
CA PRO F 127 -13.22 6.47 22.50
C PRO F 127 -13.30 6.73 21.00
N GLU F 128 -14.04 7.79 20.66
CA GLU F 128 -14.25 8.16 19.27
C GLU F 128 -12.93 8.60 18.64
N TRP F 129 -12.49 7.89 17.60
CA TRP F 129 -11.18 8.11 17.01
C TRP F 129 -11.24 9.26 16.00
N PRO F 130 -10.19 10.10 15.95
CA PRO F 130 -10.06 11.18 14.98
C PRO F 130 -9.93 10.67 13.55
N SER F 132 -12.88 9.20 11.77
CA SER F 132 -13.52 7.89 11.68
C SER F 132 -14.69 7.78 12.68
N ARG F 133 -15.70 8.63 12.49
CA ARG F 133 -16.85 8.65 13.37
C ARG F 133 -17.90 7.60 13.03
N ASP F 134 -17.74 6.90 11.91
CA ASP F 134 -18.69 5.87 11.51
C ASP F 134 -18.27 4.48 11.96
N LYS F 135 -17.13 4.35 12.64
CA LYS F 135 -16.66 3.06 13.13
C LYS F 135 -16.21 3.22 14.58
N ARG F 136 -16.48 2.19 15.38
CA ARG F 136 -16.00 2.11 16.75
C ARG F 136 -15.59 0.69 17.05
N THR F 137 -14.46 0.52 17.72
CA THR F 137 -14.01 -0.79 18.17
C THR F 137 -14.53 -1.05 19.57
N LEU F 138 -15.14 -2.23 19.75
CA LEU F 138 -15.59 -2.68 21.05
C LEU F 138 -14.69 -3.81 21.53
N ALA F 139 -14.37 -3.80 22.82
CA ALA F 139 -13.50 -4.79 23.41
C ALA F 139 -14.21 -5.50 24.55
N CYS F 140 -13.76 -6.72 24.83
CA CYS F 140 -14.34 -7.51 25.91
C CYS F 140 -13.25 -8.36 26.54
N LEU F 141 -13.26 -8.42 27.87
CA LEU F 141 -12.29 -9.20 28.64
C LEU F 141 -13.04 -10.25 29.45
N ILE F 142 -12.72 -11.52 29.22
CA ILE F 142 -13.27 -12.63 29.98
C ILE F 142 -12.11 -13.33 30.68
N GLN F 143 -12.24 -13.55 31.99
CA GLN F 143 -11.10 -14.04 32.74
C GLN F 143 -11.52 -14.86 33.95
N ASN F 144 -10.56 -15.61 34.48
CA ASN F 144 -10.64 -16.32 35.76
C ASN F 144 -11.61 -17.50 35.73
N PHE F 145 -11.73 -18.18 34.60
CA PHE F 145 -12.63 -19.31 34.47
C PHE F 145 -11.86 -20.63 34.38
N MET F 146 -12.45 -21.67 34.95
CA MET F 146 -11.87 -23.02 34.90
C MET F 146 -12.97 -24.03 34.61
N PRO F 147 -12.75 -24.94 33.64
CA PRO F 147 -11.53 -25.09 32.83
C PRO F 147 -11.45 -24.08 31.67
N GLU F 148 -10.57 -24.36 30.71
CA GLU F 148 -10.28 -23.42 29.64
C GLU F 148 -11.34 -23.39 28.54
N ASP F 149 -12.20 -24.41 28.47
CA ASP F 149 -13.21 -24.46 27.41
C ASP F 149 -14.24 -23.37 27.62
N ILE F 150 -14.34 -22.45 26.65
CA ILE F 150 -15.25 -21.32 26.73
C ILE F 150 -15.68 -20.93 25.32
N SER F 151 -16.84 -20.30 25.22
CA SER F 151 -17.36 -19.77 23.97
C SER F 151 -17.78 -18.32 24.19
N VAL F 152 -17.42 -17.46 23.25
CA VAL F 152 -17.70 -16.02 23.34
C VAL F 152 -18.51 -15.62 22.12
N GLN F 153 -19.60 -14.89 22.34
CA GLN F 153 -20.42 -14.37 21.27
C GLN F 153 -20.71 -12.91 21.52
N TRP F 154 -20.99 -12.19 20.44
CA TRP F 154 -21.49 -10.83 20.49
C TRP F 154 -22.92 -10.82 19.98
N LEU F 155 -23.81 -10.17 20.72
CA LEU F 155 -25.21 -10.07 20.34
C LEU F 155 -25.59 -8.62 20.17
N HIS F 156 -26.47 -8.37 19.21
CA HIS F 156 -26.98 -7.03 18.94
C HIS F 156 -28.46 -7.16 18.61
N ASN F 157 -29.29 -6.43 19.35
CA ASN F 157 -30.74 -6.49 19.22
C ASN F 157 -31.25 -7.93 19.36
N GLU F 158 -30.63 -8.65 20.31
CA GLU F 158 -30.99 -10.02 20.68
C GLU F 158 -30.69 -11.03 19.59
N VAL F 159 -29.88 -10.68 18.60
CA VAL F 159 -29.45 -11.61 17.56
C VAL F 159 -27.94 -11.78 17.67
N GLN F 160 -27.48 -13.03 17.68
CA GLN F 160 -26.05 -13.31 17.73
C GLN F 160 -25.40 -12.90 16.41
N LEU F 161 -24.41 -12.03 16.47
CA LEU F 161 -23.68 -11.63 15.29
C LEU F 161 -22.90 -12.82 14.73
N PRO F 162 -22.66 -12.86 13.42
CA PRO F 162 -21.83 -13.92 12.85
C PRO F 162 -20.45 -13.93 13.48
N ASP F 163 -19.87 -15.14 13.56
CA ASP F 163 -18.63 -15.32 14.29
C ASP F 163 -17.50 -14.49 13.69
N ALA F 164 -17.45 -14.38 12.36
CA ALA F 164 -16.41 -13.61 11.70
C ALA F 164 -16.48 -12.12 12.00
N ARG F 165 -17.55 -11.64 12.63
CA ARG F 165 -17.60 -10.23 13.01
C ARG F 165 -16.56 -9.90 14.07
N HIS F 166 -16.24 -10.84 14.95
CA HIS F 166 -15.35 -10.59 16.07
C HIS F 166 -14.11 -11.47 15.98
N SER F 167 -13.06 -11.04 16.66
CA SER F 167 -11.82 -11.79 16.77
C SER F 167 -11.54 -12.05 18.24
N THR F 168 -11.49 -13.33 18.61
CA THR F 168 -11.36 -13.75 20.00
C THR F 168 -10.10 -14.57 20.17
N THR F 169 -9.31 -14.24 21.20
CA THR F 169 -8.01 -14.85 21.40
C THR F 169 -8.15 -16.23 22.07
N GLN F 170 -7.05 -16.98 22.06
CA GLN F 170 -7.00 -18.30 22.67
C GLN F 170 -6.89 -18.18 24.19
N PRO F 171 -7.47 -19.13 24.92
CA PRO F 171 -7.40 -19.10 26.39
C PRO F 171 -5.96 -19.15 26.90
N ARG F 172 -5.51 -18.07 27.50
CA ARG F 172 -4.17 -17.97 28.05
C ARG F 172 -4.25 -17.99 29.58
N LYS F 173 -3.22 -18.57 30.20
CA LYS F 173 -3.19 -18.72 31.65
C LYS F 173 -2.80 -17.41 32.32
N THR F 174 -3.46 -17.09 33.44
CA THR F 174 -3.19 -15.89 34.20
C THR F 174 -2.22 -16.19 35.34
N LYS F 175 -1.97 -15.18 36.17
CA LYS F 175 -1.04 -15.35 37.29
C LYS F 175 -1.63 -16.28 38.35
N GLY F 176 -2.91 -16.12 38.66
CA GLY F 176 -3.55 -16.97 39.66
C GLY F 176 -4.25 -18.16 39.05
N SER F 177 -5.51 -18.37 39.41
CA SER F 177 -6.30 -19.48 38.90
C SER F 177 -7.20 -19.02 37.77
N GLY F 178 -7.34 -19.85 36.75
CA GLY F 178 -8.23 -19.58 35.64
C GLY F 178 -7.48 -19.13 34.39
N PHE F 179 -8.24 -19.00 33.32
CA PHE F 179 -7.76 -18.53 32.03
C PHE F 179 -8.37 -17.17 31.73
N PHE F 180 -7.95 -16.57 30.61
CA PHE F 180 -8.57 -15.33 30.17
C PHE F 180 -8.57 -15.28 28.65
N VAL F 181 -9.58 -14.59 28.10
CA VAL F 181 -9.66 -14.35 26.67
C VAL F 181 -10.10 -12.91 26.44
N PHE F 182 -9.59 -12.32 25.37
CA PHE F 182 -10.01 -11.00 24.91
C PHE F 182 -10.78 -11.14 23.61
N SER F 183 -11.83 -10.34 23.45
CA SER F 183 -12.63 -10.34 22.24
C SER F 183 -12.75 -8.93 21.71
N ARG F 184 -12.60 -8.78 20.39
CA ARG F 184 -12.61 -7.49 19.73
C ARG F 184 -13.69 -7.47 18.66
N LEU F 185 -14.53 -6.43 18.67
CA LEU F 185 -15.64 -6.31 17.74
C LEU F 185 -15.68 -4.89 17.17
N GLU F 186 -15.45 -4.78 15.87
CA GLU F 186 -15.67 -3.52 15.18
C GLU F 186 -17.16 -3.39 14.81
N VAL F 187 -17.75 -2.25 15.16
CA VAL F 187 -19.15 -1.97 14.87
C VAL F 187 -19.24 -0.69 14.05
N THR F 188 -20.39 -0.52 13.39
CA THR F 188 -20.62 0.60 12.50
C THR F 188 -21.72 1.51 13.04
N ARG F 189 -21.73 2.74 12.53
CA ARG F 189 -22.74 3.72 12.95
C ARG F 189 -24.15 3.22 12.66
N ALA F 190 -24.33 2.49 11.56
CA ALA F 190 -25.65 1.95 11.23
C ALA F 190 -26.14 0.98 12.31
N GLU F 191 -25.22 0.27 12.96
CA GLU F 191 -25.62 -0.73 13.95
C GLU F 191 -26.06 -0.08 15.26
N TRP F 192 -25.28 0.89 15.77
CA TRP F 192 -25.61 1.45 17.08
C TRP F 192 -26.71 2.49 17.02
N GLU F 193 -26.94 3.11 15.86
CA GLU F 193 -28.10 4.00 15.73
C GLU F 193 -29.40 3.20 15.76
N GLN F 194 -29.37 1.96 15.27
CA GLN F 194 -30.55 1.10 15.36
C GLN F 194 -30.77 0.62 16.79
N LYS F 195 -29.68 0.33 17.51
CA LYS F 195 -29.77 0.04 18.94
C LYS F 195 -28.35 0.16 19.49
N ASP F 196 -28.13 1.15 20.37
CA ASP F 196 -26.81 1.39 20.94
C ASP F 196 -26.62 0.52 22.18
N GLU F 197 -26.56 -0.79 21.93
CA GLU F 197 -26.26 -1.76 22.99
C GLU F 197 -25.70 -3.00 22.33
N PHE F 198 -24.55 -3.46 22.82
CA PHE F 198 -23.89 -4.64 22.29
C PHE F 198 -23.52 -5.55 23.45
N ILE F 199 -23.90 -6.82 23.36
CA ILE F 199 -23.71 -7.77 24.44
C ILE F 199 -22.49 -8.62 24.13
N CYS F 200 -21.54 -8.64 25.05
CA CYS F 200 -20.48 -9.64 25.05
C CYS F 200 -20.93 -10.76 25.98
N ARG F 201 -21.01 -11.98 25.46
CA ARG F 201 -21.56 -13.09 26.22
C ARG F 201 -20.57 -14.25 26.21
N ALA F 202 -20.33 -14.81 27.39
CA ALA F 202 -19.47 -15.98 27.54
C ALA F 202 -20.32 -17.18 27.93
N VAL F 203 -20.08 -18.31 27.26
CA VAL F 203 -20.71 -19.58 27.60
C VAL F 203 -19.65 -20.49 28.20
N HIS F 204 -19.87 -20.90 29.46
CA HIS F 204 -18.87 -21.65 30.19
C HIS F 204 -19.57 -22.65 31.11
N GLU F 205 -19.03 -23.86 31.19
CA GLU F 205 -19.72 -24.96 31.87
C GLU F 205 -19.93 -24.69 33.35
N ALA F 206 -19.12 -23.82 33.95
CA ALA F 206 -19.25 -23.48 35.36
C ALA F 206 -19.98 -22.16 35.58
N ALA F 207 -20.52 -21.56 34.52
CA ALA F 207 -21.25 -20.32 34.64
C ALA F 207 -22.68 -20.58 35.10
N SER F 208 -23.19 -19.67 35.92
CA SER F 208 -24.52 -19.81 36.51
C SER F 208 -25.41 -18.61 36.18
N PRO F 209 -26.72 -18.85 36.08
CA PRO F 209 -27.41 -20.15 36.24
C PRO F 209 -27.28 -21.08 35.02
N SER F 210 -27.37 -20.52 33.81
CA SER F 210 -27.47 -21.35 32.62
C SER F 210 -26.23 -21.27 31.74
N GLN F 211 -25.05 -21.40 32.35
CA GLN F 211 -23.79 -21.50 31.61
C GLN F 211 -23.53 -20.28 30.73
N THR F 212 -24.06 -19.12 31.10
CA THR F 212 -23.81 -17.90 30.36
C THR F 212 -23.56 -16.75 31.33
N VAL F 213 -22.61 -15.90 30.98
CA VAL F 213 -22.39 -14.62 31.65
C VAL F 213 -22.22 -13.58 30.56
N GLN F 214 -22.80 -12.40 30.76
CA GLN F 214 -22.76 -11.38 29.73
C GLN F 214 -22.72 -9.98 30.33
N ARG F 215 -22.15 -9.06 29.57
CA ARG F 215 -22.16 -7.63 29.89
C ARG F 215 -22.52 -6.84 28.65
N ALA F 216 -23.21 -5.72 28.84
CA ALA F 216 -23.64 -4.85 27.75
C ALA F 216 -22.74 -3.63 27.69
N VAL F 217 -22.36 -3.24 26.48
CA VAL F 217 -21.58 -2.04 26.24
C VAL F 217 -22.32 -1.16 25.23
N SER F 218 -22.18 0.15 25.40
CA SER F 218 -22.77 1.12 24.49
C SER F 218 -21.67 2.00 23.90
N VAL F 219 -21.92 2.49 22.69
CA VAL F 219 -20.93 3.31 22.00
C VAL F 219 -20.98 4.75 22.50
N ASN F 220 -22.19 5.28 22.74
CA ASN F 220 -22.34 6.63 23.24
C ASN F 220 -22.91 6.63 24.66
#